data_7N0J
#
_entry.id   7N0J
#
_cell.length_a   96.145
_cell.length_b   53.199
_cell.length_c   132.363
_cell.angle_alpha   90.000
_cell.angle_beta   102.250
_cell.angle_gamma   90.000
#
_symmetry.space_group_name_H-M   'P 1 21 1'
#
loop_
_entity.id
_entity.type
_entity.pdbx_description
1 polymer YebY
2 water water
#
_entity_poly.entity_id   1
_entity_poly.type   'polypeptide(L)'
_entity_poly.pdbx_seq_one_letter_code
;APQVITVSRFEVGKDKWAFNREEV(MSE)LTCRPGNALYVINPSTLVQYPLNDIAQKEVASGKTNAQPISVIQIDDPNNP
GEK(MSE)SLAPFIERAEKLCVDHHHHHH
;
_entity_poly.pdbx_strand_id   A,C,D,E,F,H,I,J,B,G,K,L
#
# COMPACT_ATOMS: atom_id res chain seq x y z
N ALA A 1 -12.33 21.75 -4.86
CA ALA A 1 -11.70 20.79 -5.79
C ALA A 1 -10.28 20.49 -5.34
N PRO A 2 -9.72 19.30 -5.65
CA PRO A 2 -8.33 19.00 -5.34
C PRO A 2 -7.37 20.11 -5.78
N GLN A 3 -6.46 20.49 -4.90
CA GLN A 3 -5.44 21.51 -5.24
C GLN A 3 -4.33 20.87 -6.06
N VAL A 4 -3.99 21.46 -7.21
CA VAL A 4 -2.86 20.97 -7.99
C VAL A 4 -1.85 22.11 -8.13
N ILE A 5 -0.58 21.80 -7.85
CA ILE A 5 0.50 22.78 -7.95
C ILE A 5 1.61 22.21 -8.84
N THR A 6 2.44 23.12 -9.35
CA THR A 6 3.57 22.76 -10.18
C THR A 6 4.86 22.92 -9.38
N VAL A 7 5.68 21.88 -9.38
CA VAL A 7 7.00 22.02 -8.77
C VAL A 7 8.04 21.77 -9.85
N SER A 8 9.22 22.36 -9.61
CA SER A 8 10.28 22.43 -10.60
C SER A 8 11.61 22.03 -9.98
N ARG A 9 12.49 21.50 -10.82
CA ARG A 9 13.85 21.19 -10.39
C ARG A 9 14.56 22.45 -9.91
N PHE A 10 14.22 23.61 -10.48
CA PHE A 10 14.80 24.86 -10.03
C PHE A 10 14.50 25.10 -8.56
N GLU A 11 13.27 24.84 -8.13
CA GLU A 11 12.90 25.02 -6.73
C GLU A 11 13.48 23.91 -5.86
N VAL A 12 13.36 22.66 -6.30
CA VAL A 12 13.78 21.54 -5.47
C VAL A 12 15.28 21.31 -5.53
N GLY A 13 15.90 21.62 -6.66
CA GLY A 13 17.32 21.32 -6.80
C GLY A 13 17.56 19.97 -7.42
N LYS A 14 18.66 19.88 -8.18
CA LYS A 14 19.08 18.68 -8.90
C LYS A 14 19.36 17.52 -7.95
N ASP A 15 19.89 17.87 -6.77
CA ASP A 15 20.31 16.84 -5.83
C ASP A 15 19.16 15.94 -5.41
N LYS A 16 17.96 16.51 -5.28
CA LYS A 16 16.79 15.76 -4.82
C LYS A 16 15.72 15.57 -5.88
N TRP A 17 15.78 16.29 -7.00
CA TRP A 17 14.79 16.13 -8.05
C TRP A 17 14.73 14.68 -8.49
N ALA A 18 13.52 14.13 -8.61
CA ALA A 18 13.34 12.69 -8.73
C ALA A 18 12.69 12.27 -10.04
N PHE A 19 12.67 13.14 -11.05
CA PHE A 19 11.93 12.86 -12.26
C PHE A 19 12.73 13.23 -13.50
N ASN A 20 12.34 12.64 -14.63
CA ASN A 20 13.06 12.78 -15.89
C ASN A 20 12.69 14.03 -16.65
N ARG A 21 12.01 14.99 -16.00
CA ARG A 21 11.63 16.23 -16.63
C ARG A 21 11.80 17.35 -15.61
N GLU A 22 11.86 18.59 -16.10
CA GLU A 22 12.20 19.63 -15.15
C GLU A 22 11.00 20.16 -14.38
N GLU A 23 9.77 19.83 -14.77
CA GLU A 23 8.62 20.21 -13.95
C GLU A 23 7.60 19.09 -13.98
N VAL A 24 6.96 18.90 -12.81
CA VAL A 24 5.84 17.98 -12.65
C VAL A 24 4.81 18.64 -11.75
N LEU A 26 1.83 18.19 -8.56
CA LEU A 26 1.52 17.40 -7.35
C LEU A 26 0.07 17.66 -6.94
N THR A 27 -0.63 16.65 -6.43
CA THR A 27 -1.99 16.82 -5.92
C THR A 27 -2.22 15.88 -4.77
N CYS A 28 -3.29 16.17 -4.02
CA CYS A 28 -3.75 15.29 -2.92
C CYS A 28 -5.27 15.19 -3.02
N ARG A 29 -5.77 13.99 -3.33
CA ARG A 29 -7.19 13.76 -3.50
C ARG A 29 -7.83 13.44 -2.16
N PRO A 30 -9.16 13.46 -2.09
CA PRO A 30 -9.84 13.00 -0.88
C PRO A 30 -9.41 11.58 -0.51
N GLY A 31 -9.17 11.37 0.77
CA GLY A 31 -8.64 10.10 1.26
C GLY A 31 -7.13 10.16 1.43
N ASN A 32 -6.54 11.26 1.05
CA ASN A 32 -5.08 11.56 1.12
C ASN A 32 -4.32 10.74 0.08
N ALA A 33 -4.91 10.57 -1.08
CA ALA A 33 -4.26 9.89 -2.22
C ALA A 33 -3.35 10.92 -2.90
N LEU A 34 -2.05 10.70 -2.89
CA LEU A 34 -1.11 11.64 -3.48
C LEU A 34 -0.69 11.16 -4.86
N TYR A 35 -0.69 12.04 -5.85
CA TYR A 35 -0.27 11.73 -7.22
C TYR A 35 0.69 12.79 -7.80
N VAL A 36 1.54 12.34 -8.68
CA VAL A 36 2.39 13.23 -9.50
C VAL A 36 1.72 13.28 -10.86
N ILE A 37 1.69 14.44 -11.47
CA ILE A 37 1.03 14.58 -12.78
C ILE A 37 2.02 15.13 -13.80
N ASN A 38 1.99 14.57 -14.99
CA ASN A 38 2.86 14.98 -16.09
C ASN A 38 2.22 16.18 -16.74
N PRO A 39 2.85 17.35 -16.75
CA PRO A 39 2.26 18.53 -17.34
C PRO A 39 2.03 18.52 -18.84
N SER A 40 2.75 17.72 -19.60
CA SER A 40 2.47 17.71 -21.05
C SER A 40 1.36 16.72 -21.38
N THR A 41 1.32 15.56 -20.73
CA THR A 41 0.35 14.54 -21.14
C THR A 41 -0.83 14.36 -20.19
N LEU A 42 -0.73 14.84 -18.96
CA LEU A 42 -1.75 14.78 -17.88
C LEU A 42 -1.90 13.37 -17.31
N VAL A 43 -0.92 12.52 -17.56
CA VAL A 43 -0.96 11.17 -16.99
C VAL A 43 -0.60 11.32 -15.51
N GLN A 44 -1.20 10.47 -14.68
CA GLN A 44 -0.96 10.49 -13.24
C GLN A 44 -0.16 9.27 -12.86
N TYR A 45 0.63 9.39 -11.80
CA TYR A 45 1.43 8.31 -11.22
C TYR A 45 1.18 8.37 -9.73
N PRO A 46 0.91 7.24 -9.08
CA PRO A 46 0.67 7.23 -7.66
C PRO A 46 1.94 7.60 -6.91
N LEU A 47 1.81 8.39 -5.85
CA LEU A 47 2.95 8.87 -5.05
C LEU A 47 3.05 8.11 -3.73
N ASN A 48 1.93 7.86 -3.07
CA ASN A 48 1.88 7.13 -1.79
C ASN A 48 1.08 5.84 -1.92
N ASP A 49 1.06 5.05 -0.87
CA ASP A 49 0.37 3.75 -0.82
C ASP A 49 -1.14 3.88 -1.05
N ILE A 50 -1.73 4.94 -0.54
CA ILE A 50 -3.19 5.15 -0.69
C ILE A 50 -3.47 5.30 -2.17
N ALA A 51 -2.64 6.05 -2.88
CA ALA A 51 -2.87 6.21 -4.32
C ALA A 51 -2.65 4.91 -5.05
N GLN A 52 -1.66 4.12 -4.64
CA GLN A 52 -1.41 2.84 -5.29
C GLN A 52 -2.62 1.92 -5.17
N LYS A 53 -3.36 2.01 -4.06
CA LYS A 53 -4.53 1.16 -3.96
C LYS A 53 -5.68 1.71 -4.79
N GLU A 54 -5.76 3.03 -4.98
CA GLU A 54 -6.76 3.58 -5.89
C GLU A 54 -6.55 3.06 -7.31
N VAL A 55 -5.31 3.03 -7.78
CA VAL A 55 -4.92 2.46 -9.07
C VAL A 55 -5.29 0.98 -9.11
N ALA A 56 -4.81 0.26 -8.10
CA ALA A 56 -5.05 -1.17 -8.03
C ALA A 56 -6.54 -1.50 -8.03
N SER A 57 -7.36 -0.60 -7.48
CA SER A 57 -8.83 -0.61 -7.42
C SER A 57 -9.46 -0.60 -8.80
N GLY A 58 -8.78 0.10 -9.71
CA GLY A 58 -9.39 0.48 -10.97
C GLY A 58 -10.09 1.81 -10.95
N LYS A 59 -10.06 2.45 -9.79
CA LYS A 59 -10.73 3.75 -9.60
C LYS A 59 -9.98 4.80 -10.35
N THR A 60 -8.66 4.68 -10.40
CA THR A 60 -7.84 5.73 -11.05
C THR A 60 -6.97 5.15 -12.15
N ASN A 61 -7.03 5.72 -13.31
CA ASN A 61 -6.19 5.36 -14.47
C ASN A 61 -4.83 6.01 -14.29
N ALA A 62 -3.76 5.26 -14.08
CA ALA A 62 -2.43 5.87 -13.88
C ALA A 62 -1.32 4.92 -14.30
N GLN A 63 -0.12 5.41 -14.48
CA GLN A 63 1.02 4.51 -14.78
C GLN A 63 1.96 4.40 -13.59
N PRO A 64 2.82 3.38 -13.55
CA PRO A 64 3.79 3.24 -12.51
C PRO A 64 4.70 4.47 -12.47
N ILE A 65 4.97 4.97 -11.27
CA ILE A 65 5.79 6.20 -11.10
C ILE A 65 7.19 5.99 -11.64
N SER A 66 7.62 4.74 -11.70
CA SER A 66 8.95 4.45 -12.21
C SER A 66 9.11 4.88 -13.67
N VAL A 67 8.00 5.18 -14.34
CA VAL A 67 8.05 5.61 -15.75
C VAL A 67 8.75 6.96 -15.86
N ILE A 68 8.54 7.83 -14.86
CA ILE A 68 9.19 9.13 -14.87
C ILE A 68 10.19 9.30 -13.73
N GLN A 69 10.18 8.42 -12.74
CA GLN A 69 11.13 8.49 -11.65
C GLN A 69 12.50 8.01 -12.12
N ILE A 70 13.54 8.82 -11.87
CA ILE A 70 14.88 8.52 -12.36
C ILE A 70 15.67 7.79 -11.28
N ASP A 71 16.77 7.18 -11.71
CA ASP A 71 17.65 6.48 -10.78
C ASP A 71 18.46 7.47 -9.94
N ASP A 72 18.92 6.99 -8.79
CA ASP A 72 19.74 7.79 -7.91
C ASP A 72 21.21 7.60 -8.26
N PRO A 73 21.90 8.65 -8.71
CA PRO A 73 23.33 8.49 -9.01
C PRO A 73 24.19 8.31 -7.78
N ASN A 74 23.67 8.63 -6.59
CA ASN A 74 24.40 8.41 -5.35
C ASN A 74 23.99 7.13 -4.64
N ASN A 75 22.99 6.42 -5.14
CA ASN A 75 22.55 5.14 -4.59
C ASN A 75 22.37 4.18 -5.75
N PRO A 76 23.46 3.57 -6.23
CA PRO A 76 23.39 2.76 -7.45
C PRO A 76 22.39 1.62 -7.35
N GLY A 77 21.55 1.51 -8.37
CA GLY A 77 20.55 0.48 -8.46
C GLY A 77 19.19 0.86 -7.90
N GLU A 78 19.09 2.01 -7.23
CA GLU A 78 17.86 2.44 -6.61
C GLU A 78 17.34 3.70 -7.27
N LYS A 79 16.05 3.95 -7.11
CA LYS A 79 15.38 5.13 -7.68
C LYS A 79 15.54 6.33 -6.77
N SER A 81 14.57 9.33 -4.33
CA SER A 81 13.49 9.25 -3.34
C SER A 81 12.36 10.25 -3.59
N LEU A 82 11.17 9.72 -3.35
CA LEU A 82 9.92 10.45 -3.52
C LEU A 82 9.52 11.20 -2.24
N ALA A 83 10.22 10.96 -1.14
CA ALA A 83 9.90 11.60 0.13
C ALA A 83 9.87 13.13 0.06
N PRO A 84 10.78 13.81 -0.66
CA PRO A 84 10.64 15.27 -0.78
C PRO A 84 9.35 15.70 -1.44
N PHE A 85 8.81 14.88 -2.35
CA PHE A 85 7.59 15.25 -3.06
C PHE A 85 6.36 14.80 -2.30
N ILE A 86 6.44 13.67 -1.59
CA ILE A 86 5.35 13.25 -0.73
C ILE A 86 5.10 14.28 0.36
N GLU A 87 6.17 14.86 0.91
CA GLU A 87 6.01 15.87 1.94
C GLU A 87 5.43 17.17 1.42
N ARG A 88 5.67 17.47 0.14
CA ARG A 88 5.12 18.69 -0.48
C ARG A 88 3.63 18.49 -0.80
N ALA A 89 3.27 17.30 -1.31
CA ALA A 89 1.87 17.05 -1.73
C ALA A 89 0.97 16.85 -0.49
N GLU A 90 1.49 16.20 0.56
CA GLU A 90 0.67 15.98 1.78
C GLU A 90 0.13 17.32 2.28
N LYS A 91 0.77 18.42 1.91
CA LYS A 91 0.33 19.75 2.38
C LYS A 91 -0.78 20.30 1.50
N LEU A 92 -1.15 19.62 0.43
CA LEU A 92 -2.26 20.05 -0.42
C LEU A 92 -3.56 19.42 0.07
N CYS A 93 -3.48 18.43 1.00
CA CYS A 93 -4.58 17.59 1.63
C CYS A 93 -5.58 18.40 2.48
N VAL A 94 -6.88 17.97 2.47
CA VAL A 94 -8.14 18.65 2.86
C VAL A 94 -9.30 17.66 2.74
N GLN B 3 -7.09 23.87 29.11
CA GLN B 3 -7.64 23.70 27.77
C GLN B 3 -8.51 24.89 27.40
N VAL B 4 -8.61 25.25 26.25
CA VAL B 4 -9.40 26.39 25.78
C VAL B 4 -10.26 25.93 24.62
N ILE B 5 -11.57 26.17 24.73
CA ILE B 5 -12.52 25.82 23.68
C ILE B 5 -13.26 27.08 23.25
N THR B 6 -13.87 27.01 22.07
CA THR B 6 -14.66 28.09 21.52
C THR B 6 -16.13 27.68 21.53
N VAL B 7 -16.96 28.46 22.19
CA VAL B 7 -18.38 28.16 22.05
C VAL B 7 -19.06 29.33 21.35
N SER B 8 -20.25 29.04 20.84
CA SER B 8 -20.97 29.93 19.95
C SER B 8 -22.46 29.85 20.25
N ARG B 9 -23.15 30.95 19.96
CA ARG B 9 -24.60 30.96 20.00
C ARG B 9 -25.21 29.89 19.09
N PHE B 10 -24.59 29.63 17.95
CA PHE B 10 -25.01 28.56 17.05
C PHE B 10 -25.07 27.20 17.73
N GLU B 11 -24.13 26.91 18.63
CA GLU B 11 -24.10 25.64 19.35
C GLU B 11 -24.96 25.67 20.61
N VAL B 12 -24.92 26.76 21.37
CA VAL B 12 -25.68 26.80 22.62
C VAL B 12 -27.12 27.20 22.34
N GLY B 13 -27.35 28.03 21.34
CA GLY B 13 -28.69 28.52 21.03
C GLY B 13 -28.97 29.84 21.70
N LYS B 14 -29.72 30.67 20.97
CA LYS B 14 -30.12 31.97 21.50
C LYS B 14 -30.92 31.86 22.79
N ASP B 15 -31.60 30.74 23.01
CA ASP B 15 -32.36 30.53 24.23
C ASP B 15 -31.52 30.61 25.49
N LYS B 16 -30.29 30.12 25.46
CA LYS B 16 -29.41 30.17 26.62
C LYS B 16 -28.19 31.06 26.46
N TRP B 17 -27.95 31.59 25.27
CA TRP B 17 -26.76 32.43 25.04
C TRP B 17 -26.82 33.67 25.93
N ALA B 18 -25.73 33.94 26.65
CA ALA B 18 -25.73 34.97 27.67
C ALA B 18 -24.70 36.06 27.39
N PHE B 19 -24.22 36.18 26.16
CA PHE B 19 -23.17 37.13 25.84
C PHE B 19 -23.57 38.00 24.66
N ASN B 20 -23.12 39.25 24.70
CA ASN B 20 -23.39 40.18 23.61
C ASN B 20 -22.57 39.86 22.36
N ARG B 21 -21.72 38.85 22.43
CA ARG B 21 -21.18 38.42 21.15
C ARG B 21 -21.47 36.94 20.94
N GLU B 22 -21.45 36.60 19.65
CA GLU B 22 -21.99 35.28 19.32
C GLU B 22 -20.92 34.19 19.34
N GLU B 23 -19.67 34.53 19.64
CA GLU B 23 -18.62 33.54 19.84
C GLU B 23 -17.69 34.02 20.94
N VAL B 24 -17.34 33.12 21.85
CA VAL B 24 -16.40 33.39 22.92
C VAL B 24 -15.67 32.09 23.25
N LEU B 26 -13.72 29.57 26.25
CA LEU B 26 -13.82 29.15 27.63
C LEU B 26 -12.55 28.45 28.06
N THR B 27 -12.11 28.73 29.29
CA THR B 27 -10.95 28.07 29.84
C THR B 27 -11.07 28.04 31.36
N CYS B 28 -10.31 27.09 31.89
CA CYS B 28 -10.23 26.84 33.33
C CYS B 28 -8.77 26.94 33.72
N ARG B 29 -8.41 28.03 34.40
CA ARG B 29 -7.02 28.19 34.83
C ARG B 29 -6.83 27.42 36.13
N PRO B 30 -5.62 27.30 36.65
CA PRO B 30 -5.37 26.50 37.82
C PRO B 30 -6.18 26.90 39.05
N GLY B 31 -6.48 25.94 39.91
CA GLY B 31 -7.28 26.25 41.10
C GLY B 31 -8.74 26.41 40.80
N ASN B 32 -9.18 26.02 39.61
CA ASN B 32 -10.60 26.05 39.17
C ASN B 32 -11.06 27.49 38.90
N ALA B 33 -10.20 28.32 38.33
CA ALA B 33 -10.58 29.69 37.98
C ALA B 33 -11.08 29.67 36.55
N LEU B 34 -12.38 29.86 36.35
CA LEU B 34 -12.99 29.80 35.02
C LEU B 34 -12.97 31.18 34.43
N TYR B 35 -12.67 31.30 33.15
CA TYR B 35 -12.63 32.62 32.49
C TYR B 35 -13.27 32.52 31.14
N VAL B 36 -13.74 33.65 30.66
CA VAL B 36 -14.30 33.79 29.32
C VAL B 36 -13.36 34.67 28.52
N ILE B 37 -13.07 34.27 27.29
CA ILE B 37 -12.11 34.96 26.45
C ILE B 37 -12.81 35.46 25.19
N ASN B 38 -12.61 36.74 24.89
CA ASN B 38 -13.12 37.38 23.69
C ASN B 38 -12.19 37.05 22.53
N PRO B 39 -12.65 36.38 21.48
CA PRO B 39 -11.73 36.00 20.40
C PRO B 39 -11.32 37.17 19.52
N SER B 40 -12.11 38.24 19.48
CA SER B 40 -11.77 39.39 18.66
C SER B 40 -10.77 40.31 19.34
N THR B 41 -10.92 40.53 20.65
CA THR B 41 -10.11 41.49 21.38
C THR B 41 -9.09 40.84 22.31
N LEU B 42 -9.31 39.59 22.70
CA LEU B 42 -8.38 38.84 23.55
C LEU B 42 -8.51 39.25 25.02
N VAL B 43 -9.54 40.03 25.30
CA VAL B 43 -9.90 40.42 26.66
C VAL B 43 -10.58 39.24 27.31
N GLN B 44 -10.22 38.95 28.56
CA GLN B 44 -10.88 37.88 29.29
C GLN B 44 -11.76 38.45 30.39
N TYR B 45 -12.66 37.60 30.89
CA TYR B 45 -13.61 37.96 31.92
C TYR B 45 -13.77 36.80 32.89
N PRO B 46 -13.80 37.06 34.19
CA PRO B 46 -13.95 35.97 35.16
C PRO B 46 -15.36 35.38 35.08
N LEU B 47 -15.43 34.06 34.95
CA LEU B 47 -16.70 33.37 34.78
C LEU B 47 -17.27 32.89 36.11
N ASN B 48 -16.43 32.44 37.02
CA ASN B 48 -16.85 32.01 38.34
C ASN B 48 -16.25 32.92 39.40
N ASP B 49 -16.78 32.81 40.62
CA ASP B 49 -16.30 33.67 41.70
C ASP B 49 -14.81 33.46 41.98
N ILE B 50 -14.31 32.24 41.76
CA ILE B 50 -12.90 31.97 41.97
C ILE B 50 -12.04 32.89 41.12
N ALA B 51 -12.34 32.94 39.82
CA ALA B 51 -11.61 33.84 38.92
C ALA B 51 -11.94 35.30 39.21
N GLN B 52 -13.12 35.57 39.76
CA GLN B 52 -13.48 36.96 40.07
C GLN B 52 -12.57 37.52 41.16
N LYS B 53 -12.22 36.68 42.14
CA LYS B 53 -11.30 37.13 43.18
C LYS B 53 -9.89 37.30 42.65
N GLU B 54 -9.51 36.53 41.62
CA GLU B 54 -8.23 36.78 40.95
C GLU B 54 -8.25 38.13 40.23
N VAL B 55 -9.36 38.46 39.59
CA VAL B 55 -9.45 39.71 38.85
C VAL B 55 -9.51 40.90 39.80
N ALA B 56 -10.42 40.85 40.79
CA ALA B 56 -10.57 41.97 41.69
C ALA B 56 -9.32 42.21 42.53
N SER B 57 -8.66 41.14 42.95
CA SER B 57 -7.42 41.28 43.73
C SER B 57 -6.25 41.72 42.87
N GLY B 58 -6.45 41.92 41.58
CA GLY B 58 -5.37 42.37 40.71
C GLY B 58 -4.38 41.32 40.33
N LYS B 59 -4.73 40.03 40.48
CA LYS B 59 -3.70 39.08 40.11
C LYS B 59 -3.78 38.65 38.65
N THR B 60 -4.86 38.89 37.92
CA THR B 60 -4.89 38.67 36.48
C THR B 60 -5.48 39.90 35.79
N ASN B 61 -5.18 40.04 34.51
CA ASN B 61 -5.68 41.15 33.71
C ASN B 61 -6.98 40.73 33.05
N ALA B 62 -8.08 41.44 33.37
CA ALA B 62 -9.38 41.08 32.84
C ALA B 62 -10.38 42.16 33.19
N GLN B 63 -11.47 42.18 32.45
CA GLN B 63 -12.60 43.08 32.69
C GLN B 63 -13.76 42.32 33.30
N PRO B 64 -14.60 43.00 34.08
CA PRO B 64 -15.76 42.32 34.68
C PRO B 64 -16.69 41.79 33.60
N ILE B 65 -17.18 40.57 33.83
CA ILE B 65 -17.99 39.86 32.85
C ILE B 65 -19.27 40.60 32.49
N SER B 66 -19.80 41.43 33.38
CA SER B 66 -21.01 42.19 33.09
C SER B 66 -20.91 42.99 31.81
N VAL B 67 -19.70 43.27 31.33
CA VAL B 67 -19.58 44.10 30.13
C VAL B 67 -19.93 43.34 28.87
N ILE B 68 -20.03 42.01 28.91
CA ILE B 68 -20.40 41.23 27.73
C ILE B 68 -21.62 40.37 28.01
N GLN B 69 -22.38 40.71 29.05
CA GLN B 69 -23.56 39.95 29.44
C GLN B 69 -24.81 40.63 28.91
N ILE B 70 -25.76 39.80 28.49
CA ILE B 70 -27.08 40.30 28.00
C ILE B 70 -28.17 39.93 29.01
N ASP B 71 -29.35 40.53 28.87
CA ASP B 71 -30.42 40.33 29.90
C ASP B 71 -31.22 39.06 29.61
N ASP B 72 -31.91 38.53 30.63
CA ASP B 72 -32.78 37.35 30.44
C ASP B 72 -34.18 37.85 30.11
N PRO B 73 -34.79 37.60 28.91
CA PRO B 73 -36.18 38.02 28.67
C PRO B 73 -37.17 37.15 29.47
N ASN B 74 -36.67 36.13 30.18
CA ASN B 74 -37.58 35.30 31.01
C ASN B 74 -37.34 35.60 32.50
N ASN B 75 -36.35 36.43 32.81
CA ASN B 75 -36.07 36.89 34.20
C ASN B 75 -35.63 38.33 34.03
N PRO B 76 -36.50 39.22 33.54
CA PRO B 76 -36.05 40.54 33.18
C PRO B 76 -35.60 41.35 34.38
N GLY B 77 -34.52 42.11 34.21
CA GLY B 77 -33.96 42.84 35.35
C GLY B 77 -32.74 42.08 35.83
N GLU B 78 -32.53 40.91 35.22
CA GLU B 78 -31.41 40.06 35.63
C GLU B 78 -30.66 39.68 34.34
N LYS B 79 -29.35 39.49 34.43
CA LYS B 79 -28.57 39.09 33.24
C LYS B 79 -28.86 37.61 32.96
N SER B 81 -28.41 33.69 32.58
CA SER B 81 -27.62 32.82 33.48
C SER B 81 -26.25 32.47 32.89
N LEU B 82 -25.25 32.42 33.75
CA LEU B 82 -23.91 31.99 33.32
C LEU B 82 -23.79 30.49 33.62
N ALA B 83 -24.82 29.89 34.22
CA ALA B 83 -24.68 28.49 34.63
C ALA B 83 -24.40 27.56 33.47
N PRO B 84 -25.02 27.70 32.29
CA PRO B 84 -24.64 26.82 31.17
C PRO B 84 -23.15 26.88 30.83
N PHE B 85 -22.54 28.05 30.94
CA PHE B 85 -21.13 28.18 30.57
C PHE B 85 -20.20 27.83 31.72
N ILE B 86 -20.65 28.02 32.96
CA ILE B 86 -19.84 27.61 34.10
C ILE B 86 -19.63 26.10 34.09
N GLU B 87 -20.70 25.34 33.84
CA GLU B 87 -20.56 23.88 33.81
C GLU B 87 -19.81 23.43 32.57
N ARG B 88 -19.97 24.13 31.45
CA ARG B 88 -19.15 23.81 30.27
C ARG B 88 -17.67 23.99 30.55
N ALA B 89 -17.28 25.12 31.15
CA ALA B 89 -15.90 25.38 31.51
C ALA B 89 -15.39 24.48 32.60
N GLU B 90 -16.24 24.12 33.57
CA GLU B 90 -15.84 23.19 34.62
C GLU B 90 -15.23 21.91 34.06
N LYS B 91 -15.78 21.39 32.97
CA LYS B 91 -15.31 20.24 32.21
C LYS B 91 -13.91 20.43 31.64
N LEU B 92 -13.48 21.69 31.49
CA LEU B 92 -12.14 21.97 30.88
C LEU B 92 -11.03 21.77 31.91
N CYS B 93 -11.38 21.54 33.18
CA CYS B 93 -10.34 21.45 34.25
C CYS B 93 -9.83 20.01 34.36
N ALA C 1 9.53 -42.61 15.65
CA ALA C 1 10.83 -42.32 16.24
C ALA C 1 11.92 -42.03 15.18
N PRO C 2 11.88 -42.68 14.00
CA PRO C 2 12.87 -42.35 12.97
C PRO C 2 12.69 -40.93 12.43
N GLN C 3 13.78 -40.18 12.34
CA GLN C 3 13.73 -38.85 11.76
C GLN C 3 13.65 -38.93 10.25
N VAL C 4 12.76 -38.12 9.66
CA VAL C 4 12.66 -38.12 8.22
C VAL C 4 12.58 -36.68 7.73
N ILE C 5 13.36 -36.44 6.69
CA ILE C 5 13.47 -35.13 6.08
C ILE C 5 13.27 -35.27 4.58
N THR C 6 12.99 -34.13 3.95
CA THR C 6 12.80 -34.08 2.50
C THR C 6 13.91 -33.26 1.87
N VAL C 7 14.54 -33.84 0.85
CA VAL C 7 15.52 -33.00 0.16
C VAL C 7 15.16 -32.98 -1.31
N SER C 8 15.56 -31.86 -1.89
CA SER C 8 15.11 -31.45 -3.21
C SER C 8 16.30 -31.03 -4.07
N ARG C 9 16.11 -31.14 -5.38
CA ARG C 9 17.04 -30.61 -6.37
C ARG C 9 17.23 -29.10 -6.24
N PHE C 10 16.21 -28.37 -5.80
CA PHE C 10 16.34 -26.94 -5.56
C PHE C 10 17.33 -26.62 -4.46
N GLU C 11 17.39 -27.46 -3.45
CA GLU C 11 18.28 -27.20 -2.32
C GLU C 11 19.69 -27.64 -2.65
N VAL C 12 19.81 -28.84 -3.18
CA VAL C 12 21.12 -29.50 -3.41
C VAL C 12 21.91 -28.89 -4.55
N GLY C 13 21.26 -28.53 -5.65
CA GLY C 13 22.05 -28.05 -6.80
C GLY C 13 22.36 -29.14 -7.80
N LYS C 14 22.62 -28.78 -9.05
CA LYS C 14 22.86 -29.75 -10.13
C LYS C 14 24.08 -30.62 -9.88
N ASP C 15 25.17 -30.05 -9.39
CA ASP C 15 26.44 -30.81 -9.26
C ASP C 15 26.29 -32.04 -8.38
N LYS C 16 25.37 -32.04 -7.42
CA LYS C 16 25.31 -33.17 -6.47
C LYS C 16 23.97 -33.92 -6.50
N TRP C 17 22.94 -33.34 -7.11
CA TRP C 17 21.66 -34.09 -7.20
C TRP C 17 21.88 -35.41 -7.93
N ALA C 18 21.51 -36.51 -7.31
CA ALA C 18 21.75 -37.85 -7.83
C ALA C 18 20.44 -38.54 -8.24
N PHE C 19 19.34 -37.83 -8.30
CA PHE C 19 18.07 -38.53 -8.55
C PHE C 19 17.31 -38.09 -9.80
N ASN C 20 16.42 -38.94 -10.29
CA ASN C 20 15.59 -38.64 -11.49
C ASN C 20 14.25 -38.02 -11.10
N ARG C 21 14.14 -37.51 -9.87
CA ARG C 21 12.96 -36.73 -9.45
C ARG C 21 13.44 -35.53 -8.65
N GLU C 22 12.62 -34.49 -8.54
CA GLU C 22 13.05 -33.26 -7.85
C GLU C 22 13.13 -33.40 -6.34
N GLU C 23 12.44 -34.37 -5.74
CA GLU C 23 12.48 -34.51 -4.28
C GLU C 23 12.48 -35.95 -3.84
N VAL C 24 13.22 -36.26 -2.80
CA VAL C 24 13.22 -37.61 -2.21
C VAL C 24 13.27 -37.47 -0.69
N LEU C 26 14.71 -38.84 3.20
CA LEU C 26 15.90 -39.37 3.84
C LEU C 26 15.59 -39.73 5.30
N THR C 27 15.98 -40.94 5.69
CA THR C 27 15.78 -41.39 7.06
C THR C 27 16.94 -42.27 7.48
N CYS C 28 17.12 -42.34 8.79
CA CYS C 28 18.14 -43.24 9.37
C CYS C 28 17.43 -44.10 10.40
N ARG C 29 17.25 -45.37 10.08
CA ARG C 29 16.54 -46.30 10.96
C ARG C 29 17.53 -46.86 11.98
N PRO C 30 17.06 -47.37 13.12
CA PRO C 30 17.91 -47.93 14.14
C PRO C 30 19.00 -48.87 13.62
N GLY C 31 20.23 -48.70 14.11
CA GLY C 31 21.36 -49.57 13.70
C GLY C 31 22.18 -48.96 12.58
N ASN C 32 21.91 -47.69 12.26
CA ASN C 32 22.62 -46.95 11.17
C ASN C 32 22.15 -47.47 9.80
N ALA C 33 20.87 -47.83 9.71
CA ALA C 33 20.27 -48.30 8.44
C ALA C 33 19.72 -47.09 7.68
N LEU C 34 20.44 -46.63 6.66
CA LEU C 34 19.99 -45.45 5.90
C LEU C 34 19.14 -45.85 4.72
N TYR C 35 18.09 -45.08 4.48
CA TYR C 35 17.18 -45.40 3.37
C TYR C 35 16.72 -44.12 2.72
N VAL C 36 16.34 -44.22 1.45
CA VAL C 36 15.74 -43.11 0.67
C VAL C 36 14.28 -43.47 0.51
N ILE C 37 13.40 -42.51 0.68
CA ILE C 37 11.96 -42.79 0.56
C ILE C 37 11.40 -41.87 -0.52
N ASN C 38 10.59 -42.45 -1.36
CA ASN C 38 9.90 -41.80 -2.48
C ASN C 38 8.63 -41.13 -1.92
N PRO C 39 8.45 -39.81 -2.03
CA PRO C 39 7.30 -39.15 -1.48
C PRO C 39 6.05 -39.33 -2.34
N SER C 40 6.16 -40.00 -3.48
CA SER C 40 4.90 -40.13 -4.24
C SER C 40 4.43 -41.56 -4.13
N THR C 41 5.29 -42.55 -4.09
CA THR C 41 4.79 -43.93 -4.05
C THR C 41 5.02 -44.53 -2.69
N LEU C 42 5.81 -43.86 -1.87
CA LEU C 42 6.20 -44.29 -0.52
C LEU C 42 6.88 -45.65 -0.51
N VAL C 43 7.62 -45.95 -1.56
CA VAL C 43 8.53 -47.10 -1.32
C VAL C 43 9.87 -46.50 -0.90
N GLN C 44 10.80 -47.38 -0.59
CA GLN C 44 12.08 -47.01 -0.04
C GLN C 44 13.20 -47.84 -0.64
N TYR C 45 14.40 -47.28 -0.61
CA TYR C 45 15.57 -47.93 -1.26
C TYR C 45 16.77 -47.84 -0.31
N PRO C 46 17.67 -48.84 -0.26
CA PRO C 46 18.79 -48.82 0.68
C PRO C 46 19.85 -47.78 0.32
N LEU C 47 20.36 -47.04 1.31
CA LEU C 47 21.34 -45.96 1.03
C LEU C 47 22.75 -46.41 1.41
N ASN C 48 22.89 -47.29 2.41
CA ASN C 48 24.20 -47.72 2.86
C ASN C 48 24.24 -49.25 2.98
N ASP C 49 25.44 -49.79 3.17
CA ASP C 49 25.60 -51.23 3.21
C ASP C 49 24.73 -51.87 4.30
N ILE C 50 24.50 -51.12 5.39
CA ILE C 50 23.67 -51.62 6.52
C ILE C 50 22.24 -51.85 6.03
N ALA C 51 21.67 -50.85 5.33
CA ALA C 51 20.28 -50.95 4.81
C ALA C 51 20.21 -52.07 3.76
N GLN C 52 21.21 -52.14 2.88
CA GLN C 52 21.26 -53.16 1.83
C GLN C 52 21.13 -54.56 2.42
N LYS C 53 21.78 -54.79 3.57
CA LYS C 53 21.72 -56.10 4.20
C LYS C 53 20.33 -56.36 4.78
N GLU C 54 19.72 -55.35 5.40
CA GLU C 54 18.35 -55.50 5.88
C GLU C 54 17.41 -55.89 4.74
N VAL C 55 17.62 -55.31 3.56
CA VAL C 55 16.77 -55.63 2.42
C VAL C 55 17.04 -57.04 1.92
N ALA C 56 18.31 -57.40 1.78
CA ALA C 56 18.66 -58.74 1.30
C ALA C 56 18.15 -59.81 2.25
N SER C 57 18.23 -59.56 3.55
CA SER C 57 17.79 -60.46 4.60
C SER C 57 16.28 -60.61 4.66
N GLY C 58 15.55 -59.64 4.12
CA GLY C 58 14.12 -59.60 4.27
C GLY C 58 13.62 -58.87 5.50
N LYS C 59 14.51 -58.22 6.25
CA LYS C 59 14.09 -57.48 7.44
C LYS C 59 13.23 -56.27 7.08
N THR C 60 13.40 -55.74 5.87
CA THR C 60 12.64 -54.58 5.41
C THR C 60 12.24 -54.80 3.96
N ASN C 61 11.23 -54.06 3.53
CA ASN C 61 10.78 -54.06 2.13
C ASN C 61 11.34 -52.83 1.44
N ALA C 62 11.98 -53.04 0.30
CA ALA C 62 12.59 -51.93 -0.44
C ALA C 62 12.60 -52.24 -1.92
N GLN C 63 12.96 -51.22 -2.70
CA GLN C 63 13.07 -51.28 -4.15
C GLN C 63 14.51 -50.95 -4.55
N PRO C 64 14.95 -51.28 -5.76
CA PRO C 64 16.32 -50.98 -6.15
C PRO C 64 16.54 -49.48 -6.31
N ILE C 65 17.55 -48.96 -5.62
CA ILE C 65 17.84 -47.54 -5.67
C ILE C 65 18.19 -47.06 -7.07
N SER C 66 18.65 -47.98 -7.92
CA SER C 66 19.06 -47.63 -9.31
C SER C 66 17.89 -47.04 -10.09
N VAL C 67 16.66 -47.42 -9.76
CA VAL C 67 15.48 -46.95 -10.54
C VAL C 67 15.33 -45.43 -10.37
N ILE C 68 15.90 -44.83 -9.32
CA ILE C 68 15.73 -43.38 -9.09
C ILE C 68 17.06 -42.63 -9.24
N GLN C 69 18.10 -43.29 -9.78
CA GLN C 69 19.38 -42.64 -9.95
C GLN C 69 19.55 -42.17 -11.39
N ILE C 70 20.12 -40.97 -11.54
CA ILE C 70 20.48 -40.44 -12.84
C ILE C 70 21.94 -40.78 -13.12
N ASP C 71 22.31 -40.66 -14.39
CA ASP C 71 23.68 -40.94 -14.80
C ASP C 71 24.58 -39.76 -14.47
N ASP C 72 25.88 -40.06 -14.30
CA ASP C 72 26.87 -39.03 -14.02
C ASP C 72 27.55 -38.62 -15.31
N PRO C 73 27.45 -37.35 -15.72
CA PRO C 73 28.17 -36.94 -16.94
C PRO C 73 29.68 -37.03 -16.81
N ASN C 74 30.22 -36.78 -15.63
CA ASN C 74 31.65 -36.81 -15.41
C ASN C 74 32.18 -38.20 -15.09
N ASN C 75 31.31 -39.21 -15.00
CA ASN C 75 31.68 -40.59 -14.73
C ASN C 75 30.89 -41.48 -15.68
N PRO C 76 31.47 -41.81 -16.85
CA PRO C 76 30.69 -42.49 -17.89
C PRO C 76 30.28 -43.89 -17.46
N GLY C 77 29.00 -44.21 -17.68
CA GLY C 77 28.46 -45.50 -17.32
C GLY C 77 28.19 -45.69 -15.84
N GLU C 78 28.39 -44.67 -15.02
CA GLU C 78 28.20 -44.76 -13.58
C GLU C 78 27.04 -43.86 -13.18
N LYS C 79 26.39 -44.17 -12.08
CA LYS C 79 25.29 -43.30 -11.60
C LYS C 79 25.90 -42.18 -10.76
N SER C 81 26.94 -39.83 -7.66
CA SER C 81 27.31 -40.40 -6.36
C SER C 81 26.19 -40.22 -5.34
N LEU C 82 26.21 -41.13 -4.38
CA LEU C 82 25.22 -41.15 -3.29
C LEU C 82 25.90 -40.60 -2.04
N ALA C 83 27.21 -40.34 -2.07
CA ALA C 83 27.91 -39.81 -0.90
C ALA C 83 27.25 -38.57 -0.31
N PRO C 84 26.80 -37.57 -1.09
CA PRO C 84 26.15 -36.41 -0.47
C PRO C 84 24.90 -36.77 0.31
N PHE C 85 24.20 -37.83 -0.09
CA PHE C 85 22.97 -38.20 0.58
C PHE C 85 23.23 -39.19 1.71
N ILE C 86 24.27 -39.98 1.58
CA ILE C 86 24.61 -40.89 2.69
C ILE C 86 25.03 -40.02 3.87
N GLU C 87 25.83 -38.99 3.62
CA GLU C 87 26.34 -38.13 4.72
C GLU C 87 25.17 -37.37 5.34
N ARG C 88 24.31 -36.80 4.50
CA ARG C 88 23.19 -36.02 5.03
C ARG C 88 22.19 -36.89 5.76
N ALA C 89 22.10 -38.17 5.44
CA ALA C 89 21.16 -39.10 6.11
C ALA C 89 21.75 -39.60 7.41
N GLU C 90 23.07 -39.67 7.52
CA GLU C 90 23.66 -40.12 8.80
C GLU C 90 23.42 -39.06 9.88
N LYS C 91 23.31 -37.79 9.51
CA LYS C 91 23.01 -36.75 10.51
C LYS C 91 21.65 -37.02 11.16
N LEU C 92 20.87 -37.98 10.66
CA LEU C 92 19.51 -38.22 11.22
C LEU C 92 19.58 -39.34 12.28
N CYS C 93 20.76 -39.94 12.47
CA CYS C 93 20.90 -41.06 13.44
C CYS C 93 21.14 -40.49 14.83
N ALA D 1 -32.13 39.34 -40.26
CA ALA D 1 -31.37 39.02 -41.49
C ALA D 1 -29.90 38.86 -41.14
N PRO D 2 -29.12 37.99 -41.86
CA PRO D 2 -27.71 37.73 -41.52
C PRO D 2 -26.85 38.99 -41.42
N GLN D 3 -25.89 38.97 -40.52
CA GLN D 3 -25.02 40.14 -40.28
C GLN D 3 -23.66 39.87 -40.91
N VAL D 4 -23.04 40.91 -41.44
CA VAL D 4 -21.73 40.83 -42.08
C VAL D 4 -20.86 41.96 -41.55
N ILE D 5 -19.62 41.60 -41.28
CA ILE D 5 -18.60 42.55 -40.83
C ILE D 5 -17.31 42.27 -41.58
N THR D 6 -16.52 43.31 -41.75
CA THR D 6 -15.22 43.23 -42.40
C THR D 6 -14.13 43.35 -41.34
N VAL D 7 -13.14 42.47 -41.41
CA VAL D 7 -11.98 42.51 -40.53
C VAL D 7 -10.73 42.46 -41.39
N SER D 8 -9.67 43.12 -40.95
CA SER D 8 -8.42 43.48 -41.59
C SER D 8 -7.25 42.95 -40.78
N ARG D 9 -6.17 42.47 -41.40
CA ARG D 9 -4.91 42.26 -40.72
C ARG D 9 -4.48 43.48 -39.91
N PHE D 10 -4.71 44.68 -40.44
CA PHE D 10 -4.39 45.92 -39.75
C PHE D 10 -4.95 45.97 -38.34
N GLU D 11 -6.27 45.87 -38.20
CA GLU D 11 -7.00 45.83 -36.92
C GLU D 11 -6.59 44.66 -36.04
N VAL D 12 -6.65 43.46 -36.61
CA VAL D 12 -6.47 42.23 -35.86
C VAL D 12 -5.00 42.07 -35.49
N GLY D 13 -4.12 42.44 -36.40
CA GLY D 13 -2.70 42.27 -36.18
C GLY D 13 -2.15 40.98 -36.76
N LYS D 14 -1.02 41.08 -37.47
CA LYS D 14 -0.39 39.93 -38.10
C LYS D 14 -0.17 38.78 -37.14
N ASP D 15 0.05 39.05 -35.86
CA ASP D 15 0.28 38.02 -34.86
C ASP D 15 -0.87 37.02 -34.78
N LYS D 16 -2.09 37.44 -35.08
CA LYS D 16 -3.24 36.54 -35.07
C LYS D 16 -3.92 36.38 -36.42
N TRP D 17 -3.62 37.20 -37.41
CA TRP D 17 -4.23 37.06 -38.73
C TRP D 17 -3.95 35.67 -39.29
N ALA D 18 -5.01 35.02 -39.78
CA ALA D 18 -4.90 33.61 -40.13
C ALA D 18 -5.12 33.33 -41.61
N PHE D 19 -5.21 34.37 -42.40
CA PHE D 19 -5.57 34.23 -43.82
C PHE D 19 -4.52 34.82 -44.74
N ASN D 20 -4.54 34.40 -46.00
CA ASN D 20 -3.55 34.85 -47.02
C ASN D 20 -4.02 36.10 -47.75
N ARG D 21 -5.09 36.73 -47.26
CA ARG D 21 -5.65 37.98 -47.80
C ARG D 21 -5.44 39.02 -46.70
N GLU D 22 -5.50 40.33 -46.95
CA GLU D 22 -5.27 41.26 -45.81
C GLU D 22 -6.61 41.66 -45.18
N GLU D 23 -7.71 41.34 -45.83
CA GLU D 23 -9.08 41.64 -45.34
C GLU D 23 -10.00 40.48 -45.67
N VAL D 24 -10.91 40.13 -44.76
CA VAL D 24 -11.91 39.06 -44.98
C VAL D 24 -13.25 39.52 -44.39
N LEU D 26 -16.84 38.31 -42.33
CA LEU D 26 -17.33 37.24 -41.44
C LEU D 26 -18.84 37.41 -41.31
N THR D 27 -19.57 36.30 -41.26
CA THR D 27 -21.02 36.34 -41.18
C THR D 27 -21.52 35.12 -40.43
N CYS D 28 -22.72 35.26 -39.85
CA CYS D 28 -23.40 34.13 -39.23
C CYS D 28 -24.74 33.97 -39.91
N ARG D 29 -24.85 32.88 -40.67
CA ARG D 29 -26.07 32.55 -41.37
C ARG D 29 -27.07 31.90 -40.43
N PRO D 30 -28.38 31.78 -40.80
CA PRO D 30 -29.35 31.04 -39.99
C PRO D 30 -28.84 29.61 -39.76
N GLY D 31 -29.11 29.07 -38.58
CA GLY D 31 -28.63 27.73 -38.20
C GLY D 31 -27.32 27.80 -37.44
N ASN D 32 -26.81 29.01 -37.21
CA ASN D 32 -25.50 29.20 -36.53
C ASN D 32 -24.40 28.73 -37.49
N ALA D 33 -24.59 28.94 -38.78
CA ALA D 33 -23.57 28.59 -39.77
C ALA D 33 -22.58 29.75 -39.91
N LEU D 34 -21.33 29.52 -39.52
CA LEU D 34 -20.31 30.60 -39.54
C LEU D 34 -19.47 30.48 -40.81
N TYR D 35 -19.20 31.60 -41.47
CA TYR D 35 -18.45 31.61 -42.71
C TYR D 35 -17.48 32.78 -42.74
N VAL D 36 -16.36 32.58 -43.44
CA VAL D 36 -15.49 33.66 -43.89
C VAL D 36 -15.78 33.88 -45.37
N ILE D 37 -15.71 35.14 -45.80
CA ILE D 37 -16.03 35.51 -47.18
C ILE D 37 -14.81 36.17 -47.80
N ASN D 38 -14.44 35.72 -49.00
CA ASN D 38 -13.34 36.36 -49.76
C ASN D 38 -13.82 37.74 -50.21
N PRO D 39 -13.39 38.91 -49.65
CA PRO D 39 -13.95 40.20 -50.08
C PRO D 39 -13.79 40.45 -51.59
N SER D 40 -12.89 39.72 -52.24
CA SER D 40 -12.62 39.96 -53.69
C SER D 40 -13.47 39.02 -54.55
N THR D 41 -13.44 37.71 -54.26
CA THR D 41 -14.14 36.73 -55.12
C THR D 41 -15.49 36.38 -54.51
N LEU D 42 -15.72 36.76 -53.25
CA LEU D 42 -17.02 36.49 -52.54
C LEU D 42 -17.18 34.99 -52.21
N VAL D 43 -16.11 34.22 -52.31
CA VAL D 43 -16.18 32.75 -52.05
C VAL D 43 -16.37 32.57 -50.54
N GLN D 44 -17.11 31.54 -50.13
CA GLN D 44 -17.38 31.30 -48.71
C GLN D 44 -16.56 30.12 -48.22
N TYR D 45 -16.04 30.25 -47.00
CA TYR D 45 -15.27 29.20 -46.37
C TYR D 45 -15.90 28.88 -45.02
N PRO D 46 -16.15 27.60 -44.72
CA PRO D 46 -16.84 27.27 -43.46
C PRO D 46 -15.97 27.55 -42.26
N LEU D 47 -16.61 28.01 -41.18
CA LEU D 47 -15.92 28.36 -39.95
C LEU D 47 -16.26 27.43 -38.80
N ASN D 48 -17.36 26.69 -38.87
CA ASN D 48 -17.71 25.73 -37.82
C ASN D 48 -18.37 24.50 -38.42
N ASP D 49 -18.79 23.57 -37.56
CA ASP D 49 -19.35 22.31 -38.05
C ASP D 49 -20.60 22.54 -38.89
N ILE D 50 -21.57 23.30 -38.34
CA ILE D 50 -22.78 23.60 -39.10
C ILE D 50 -22.43 24.01 -40.52
N ALA D 51 -21.49 24.95 -40.66
CA ALA D 51 -21.10 25.41 -41.99
C ALA D 51 -20.44 24.29 -42.80
N GLN D 52 -19.62 23.46 -42.15
CA GLN D 52 -18.94 22.39 -42.86
C GLN D 52 -19.95 21.44 -43.49
N LYS D 53 -20.98 21.07 -42.73
CA LYS D 53 -22.04 20.13 -43.21
C LYS D 53 -22.73 20.74 -44.43
N GLU D 54 -22.93 22.06 -44.43
CA GLU D 54 -23.61 22.75 -45.55
C GLU D 54 -22.71 22.72 -46.80
N VAL D 55 -21.40 22.89 -46.62
CA VAL D 55 -20.43 22.87 -47.75
C VAL D 55 -20.28 21.44 -48.27
N ALA D 56 -20.26 20.46 -47.34
CA ALA D 56 -20.15 19.03 -47.74
C ALA D 56 -21.21 18.72 -48.80
N SER D 57 -22.42 19.15 -48.53
CA SER D 57 -23.56 18.77 -49.38
C SER D 57 -23.93 19.91 -50.29
N GLY D 58 -23.78 19.71 -51.58
CA GLY D 58 -24.24 20.78 -52.48
C GLY D 58 -23.18 21.82 -52.58
N LYS D 59 -22.65 22.02 -53.79
CA LYS D 59 -21.53 22.95 -54.01
C LYS D 59 -21.67 24.24 -53.20
N THR D 60 -22.35 25.24 -53.77
CA THR D 60 -22.40 26.58 -53.15
C THR D 60 -21.11 27.28 -53.56
N ASN D 61 -21.08 28.60 -53.53
CA ASN D 61 -19.81 29.28 -53.84
C ASN D 61 -18.89 28.98 -52.67
N ALA D 62 -18.48 27.72 -52.48
CA ALA D 62 -17.69 27.54 -51.25
C ALA D 62 -16.39 26.78 -51.50
N GLN D 63 -15.42 27.01 -50.62
CA GLN D 63 -14.13 26.26 -50.74
C GLN D 63 -13.69 25.87 -49.33
N PRO D 64 -12.93 24.76 -49.04
CA PRO D 64 -12.49 24.51 -47.71
C PRO D 64 -11.69 25.70 -47.17
N ILE D 65 -11.72 25.91 -45.88
CA ILE D 65 -11.05 27.09 -45.28
C ILE D 65 -9.54 27.01 -45.48
N SER D 66 -9.01 25.81 -45.63
CA SER D 66 -7.60 25.58 -45.89
C SER D 66 -7.10 26.38 -47.08
N VAL D 67 -8.02 26.76 -47.98
CA VAL D 67 -7.62 27.41 -49.23
C VAL D 67 -7.06 28.79 -48.95
N ILE D 68 -7.62 29.48 -47.95
CA ILE D 68 -7.11 30.80 -47.58
C ILE D 68 -6.46 30.83 -46.21
N GLN D 69 -6.39 29.69 -45.52
CA GLN D 69 -5.81 29.66 -44.19
C GLN D 69 -4.29 29.51 -44.27
N ILE D 70 -3.57 30.44 -43.65
CA ILE D 70 -2.11 30.44 -43.68
C ILE D 70 -1.58 29.66 -42.50
N ASP D 71 -0.31 29.32 -42.56
CA ASP D 71 0.35 28.59 -41.48
C ASP D 71 0.96 29.57 -40.47
N ASP D 72 1.20 29.06 -39.27
CA ASP D 72 1.86 29.86 -38.25
C ASP D 72 3.37 29.79 -38.45
N PRO D 73 4.04 30.93 -38.65
CA PRO D 73 5.50 30.91 -38.72
C PRO D 73 6.16 30.38 -37.47
N ASN D 74 5.46 30.38 -36.33
CA ASN D 74 6.13 29.82 -35.17
C ASN D 74 5.83 28.34 -34.96
N ASN D 75 5.03 27.76 -35.86
CA ASN D 75 4.84 26.32 -35.96
C ASN D 75 4.75 25.97 -37.43
N PRO D 76 5.89 25.87 -38.13
CA PRO D 76 5.86 25.65 -39.57
C PRO D 76 5.12 24.38 -39.94
N GLY D 77 4.13 24.53 -40.81
CA GLY D 77 3.23 23.46 -41.17
C GLY D 77 2.00 23.36 -40.28
N GLU D 78 1.93 24.15 -39.21
CA GLU D 78 0.69 24.15 -38.39
C GLU D 78 -0.13 25.38 -38.75
N LYS D 79 -1.41 25.19 -38.99
CA LYS D 79 -2.31 26.29 -39.38
C LYS D 79 -2.46 27.33 -38.29
N SER D 81 -4.60 29.70 -35.86
CA SER D 81 -5.92 29.50 -35.20
C SER D 81 -6.98 30.41 -35.77
N LEU D 82 -8.14 29.86 -36.03
CA LEU D 82 -9.30 30.62 -36.48
C LEU D 82 -10.14 31.13 -35.32
N ALA D 83 -9.76 30.82 -34.09
CA ALA D 83 -10.55 31.20 -32.92
C ALA D 83 -10.90 32.68 -32.88
N PRO D 84 -9.98 33.62 -33.15
CA PRO D 84 -10.37 35.04 -33.12
C PRO D 84 -11.51 35.37 -34.06
N PHE D 85 -11.57 34.71 -35.22
CA PHE D 85 -12.61 35.01 -36.20
C PHE D 85 -13.86 34.19 -35.95
N ILE D 86 -13.70 32.99 -35.38
CA ILE D 86 -14.87 32.21 -34.97
C ILE D 86 -15.66 32.97 -33.91
N GLU D 87 -14.96 33.60 -32.96
CA GLU D 87 -15.60 34.39 -31.92
C GLU D 87 -16.31 35.61 -32.48
N ARG D 88 -15.63 36.32 -33.38
CA ARG D 88 -16.23 37.50 -34.01
C ARG D 88 -17.49 37.13 -34.76
N ALA D 89 -17.44 36.11 -35.60
CA ALA D 89 -18.62 35.68 -36.33
C ALA D 89 -19.73 35.19 -35.42
N GLU D 90 -19.39 34.61 -34.28
CA GLU D 90 -20.46 34.16 -33.39
C GLU D 90 -21.18 35.32 -32.72
N LYS D 91 -20.56 36.48 -32.56
CA LYS D 91 -21.28 37.64 -32.03
C LYS D 91 -22.28 38.19 -33.02
N LEU D 92 -22.17 37.82 -34.28
CA LEU D 92 -23.16 38.28 -35.27
C LEU D 92 -24.36 37.33 -35.25
N CYS D 93 -24.32 36.29 -34.44
CA CYS D 93 -25.43 35.32 -34.46
C CYS D 93 -26.62 35.83 -33.66
N VAL D 94 -27.84 35.43 -34.06
CA VAL D 94 -29.10 35.96 -33.45
C VAL D 94 -29.16 35.77 -31.92
N ASP D 95 -28.30 34.92 -31.35
CA ASP D 95 -28.25 34.77 -29.87
C ASP D 95 -29.59 34.17 -29.38
N PRO E 2 15.64 5.91 27.49
CA PRO E 2 14.76 5.12 26.61
C PRO E 2 14.99 3.62 26.81
N GLN E 3 14.12 2.77 26.25
CA GLN E 3 14.24 1.30 26.47
C GLN E 3 15.55 0.79 25.86
N VAL E 4 16.00 1.40 24.75
CA VAL E 4 17.21 0.91 24.10
C VAL E 4 18.10 2.11 23.80
N ILE E 5 19.39 1.96 24.11
CA ILE E 5 20.39 2.99 23.83
C ILE E 5 21.58 2.35 23.14
N THR E 6 22.38 3.18 22.49
CA THR E 6 23.60 2.72 21.85
C THR E 6 24.79 3.14 22.69
N VAL E 7 25.77 2.24 22.76
CA VAL E 7 27.02 2.53 23.46
C VAL E 7 28.17 2.20 22.52
N SER E 8 29.23 2.99 22.61
CA SER E 8 30.35 2.85 21.69
C SER E 8 31.65 2.62 22.45
N ARG E 9 32.62 2.02 21.77
CA ARG E 9 33.96 1.86 22.33
C ARG E 9 34.59 3.20 22.69
N PHE E 10 34.29 4.26 21.96
CA PHE E 10 34.73 5.60 22.29
C PHE E 10 34.27 6.07 23.66
N GLU E 11 33.06 5.69 24.08
CA GLU E 11 32.53 6.05 25.38
C GLU E 11 33.09 5.17 26.49
N VAL E 12 33.09 3.85 26.29
CA VAL E 12 33.49 2.92 27.33
C VAL E 12 35.01 2.76 27.36
N GLY E 13 35.65 2.91 26.20
CA GLY E 13 37.08 2.76 26.11
C GLY E 13 37.52 1.36 25.72
N LYS E 14 38.56 1.26 24.91
CA LYS E 14 39.09 -0.03 24.47
C LYS E 14 39.57 -0.89 25.62
N ASP E 15 39.91 -0.30 26.76
CA ASP E 15 40.35 -1.06 27.92
C ASP E 15 39.27 -1.96 28.48
N LYS E 16 38.01 -1.53 28.47
CA LYS E 16 36.91 -2.33 29.00
C LYS E 16 35.92 -2.79 27.94
N TRP E 17 36.04 -2.32 26.69
CA TRP E 17 35.11 -2.75 25.66
C TRP E 17 35.23 -4.25 25.44
N ALA E 18 34.06 -4.91 25.48
CA ALA E 18 34.01 -6.39 25.43
C ALA E 18 33.48 -6.94 24.12
N PHE E 19 33.31 -6.12 23.10
CA PHE E 19 32.63 -6.64 21.89
C PHE E 19 33.45 -6.45 20.61
N ASN E 20 33.17 -7.28 19.59
CA ASN E 20 33.91 -7.26 18.29
C ASN E 20 33.27 -6.26 17.33
N ARG E 21 32.79 -5.15 17.87
CA ARG E 21 32.08 -4.14 17.06
C ARG E 21 32.31 -2.78 17.72
N GLU E 22 32.32 -1.69 16.97
CA GLU E 22 32.53 -0.34 17.52
C GLU E 22 31.33 0.09 18.37
N GLU E 23 30.13 -0.32 17.99
CA GLU E 23 28.91 0.10 18.69
C GLU E 23 27.98 -1.08 18.90
N VAL E 24 27.35 -1.18 20.06
CA VAL E 24 26.32 -2.24 20.30
C VAL E 24 25.15 -1.52 20.99
N LEU E 26 21.89 -1.55 23.95
CA LEU E 26 21.64 -1.98 25.34
C LEU E 26 20.16 -1.74 25.70
N THR E 27 19.54 -2.68 26.44
CA THR E 27 18.14 -2.56 26.81
C THR E 27 17.89 -3.31 28.11
N CYS E 28 16.91 -2.89 28.86
CA CYS E 28 16.47 -3.67 30.01
C CYS E 28 14.96 -3.89 29.84
N ARG E 29 14.54 -5.14 29.95
CA ARG E 29 13.13 -5.48 29.73
C ARG E 29 12.52 -5.87 31.08
N PRO E 30 11.17 -5.83 31.27
CA PRO E 30 10.51 -6.24 32.52
C PRO E 30 11.18 -7.42 33.23
N GLY E 31 11.57 -7.21 34.48
CA GLY E 31 12.20 -8.27 35.27
C GLY E 31 13.69 -8.13 35.44
N ASN E 32 14.24 -6.98 35.08
CA ASN E 32 15.71 -6.78 35.11
C ASN E 32 16.35 -7.74 34.10
N ALA E 33 15.73 -7.91 32.93
CA ALA E 33 16.33 -8.74 31.86
C ALA E 33 17.12 -7.85 30.92
N LEU E 34 18.45 -7.93 30.97
CA LEU E 34 19.29 -7.08 30.11
C LEU E 34 19.75 -7.81 28.85
N TYR E 35 19.79 -7.09 27.74
CA TYR E 35 20.16 -7.71 26.48
C TYR E 35 21.12 -6.81 25.71
N VAL E 36 22.04 -7.42 24.98
CA VAL E 36 22.83 -6.65 24.02
C VAL E 36 22.31 -6.96 22.63
N ILE E 37 22.30 -5.92 21.80
CA ILE E 37 21.64 -5.95 20.51
C ILE E 37 22.63 -5.51 19.43
N ASN E 38 22.68 -6.27 18.34
CA ASN E 38 23.51 -5.91 17.21
C ASN E 38 22.82 -4.80 16.41
N PRO E 39 23.45 -3.63 16.27
CA PRO E 39 22.78 -2.55 15.53
C PRO E 39 22.62 -2.84 14.04
N SER E 40 23.38 -3.77 13.50
CA SER E 40 23.29 -4.02 12.06
C SER E 40 22.34 -5.17 11.74
N THR E 41 22.33 -6.24 12.52
CA THR E 41 21.47 -7.39 12.24
C THR E 41 20.22 -7.42 13.10
N LEU E 42 20.23 -6.76 14.26
CA LEU E 42 19.19 -6.69 15.29
C LEU E 42 19.05 -8.01 16.03
N VAL E 43 20.11 -8.82 15.93
CA VAL E 43 20.29 -10.01 16.75
C VAL E 43 20.55 -9.55 18.17
N GLN E 44 19.94 -10.23 19.15
CA GLN E 44 20.12 -9.89 20.54
C GLN E 44 20.79 -11.04 21.28
N TYR E 45 21.45 -10.69 22.39
CA TYR E 45 22.20 -11.63 23.19
C TYR E 45 21.89 -11.38 24.66
N PRO E 46 21.83 -12.43 25.47
CA PRO E 46 21.57 -12.24 26.90
C PRO E 46 22.80 -11.66 27.60
N LEU E 47 22.57 -10.65 28.42
CA LEU E 47 23.67 -9.96 29.10
C LEU E 47 23.78 -10.41 30.56
N ASN E 48 22.65 -10.68 31.21
CA ASN E 48 22.65 -11.11 32.59
C ASN E 48 21.94 -12.45 32.73
N ASP E 49 22.05 -13.05 33.92
CA ASP E 49 21.42 -14.34 34.17
C ASP E 49 19.93 -14.30 33.90
N ILE E 50 19.28 -13.18 34.25
CA ILE E 50 17.84 -13.05 34.03
C ILE E 50 17.52 -13.21 32.55
N ALA E 51 18.32 -12.59 31.69
CA ALA E 51 18.09 -12.69 30.26
C ALA E 51 18.39 -14.09 29.74
N GLN E 52 19.47 -14.70 30.22
CA GLN E 52 19.81 -16.05 29.81
C GLN E 52 18.66 -17.01 30.11
N LYS E 53 18.17 -16.99 31.34
CA LYS E 53 17.01 -17.83 31.68
C LYS E 53 15.87 -17.58 30.71
N GLU E 54 15.65 -16.33 30.30
CA GLU E 54 14.61 -16.02 29.33
C GLU E 54 14.88 -16.72 28.00
N VAL E 55 16.10 -16.60 27.49
CA VAL E 55 16.53 -17.25 26.26
C VAL E 55 16.36 -18.77 26.38
N ALA E 56 17.00 -19.33 27.41
CA ALA E 56 16.95 -20.76 27.63
C ALA E 56 15.51 -21.28 27.64
N SER E 57 14.62 -20.52 28.25
CA SER E 57 13.19 -20.90 28.39
C SER E 57 12.40 -20.66 27.10
N GLY E 58 12.99 -20.04 26.10
CA GLY E 58 12.27 -19.81 24.84
C GLY E 58 11.41 -18.56 24.80
N LYS E 59 11.46 -17.71 25.82
CA LYS E 59 10.62 -16.49 25.77
C LYS E 59 11.17 -15.48 24.77
N THR E 60 12.48 -15.52 24.50
CA THR E 60 13.10 -14.56 23.57
C THR E 60 14.09 -15.25 22.62
N ASN E 61 14.11 -14.82 21.37
CA ASN E 61 15.06 -15.42 20.39
C ASN E 61 16.37 -14.68 20.52
N ALA E 62 17.44 -15.41 20.76
CA ALA E 62 18.74 -14.74 20.96
C ALA E 62 19.88 -15.68 20.66
N GLN E 63 21.07 -15.10 20.53
CA GLN E 63 22.27 -15.92 20.31
C GLN E 63 23.16 -15.84 21.57
N PRO E 64 24.06 -16.79 21.90
CA PRO E 64 24.88 -16.66 23.06
C PRO E 64 25.75 -15.41 22.91
N ILE E 65 25.98 -14.70 24.00
CA ILE E 65 26.79 -13.46 23.92
C ILE E 65 28.20 -13.79 23.43
N SER E 66 28.56 -15.08 23.41
CA SER E 66 29.84 -15.65 22.91
C SER E 66 30.19 -15.16 21.52
N VAL E 67 29.21 -15.01 20.66
CA VAL E 67 29.37 -14.60 19.24
C VAL E 67 29.96 -13.21 19.03
N ILE E 68 29.88 -12.31 20.02
CA ILE E 68 30.44 -10.96 19.81
C ILE E 68 31.38 -10.61 20.95
N GLN E 69 31.32 -11.34 22.05
CA GLN E 69 32.14 -11.05 23.23
C GLN E 69 33.56 -11.45 22.90
N ILE E 70 34.55 -10.59 23.18
CA ILE E 70 35.98 -10.90 22.91
C ILE E 70 36.66 -11.36 24.20
N ASP E 71 37.87 -11.87 24.07
CA ASP E 71 38.64 -12.36 25.23
C ASP E 71 39.26 -11.18 25.98
N ASP E 72 39.64 -11.42 27.23
CA ASP E 72 40.26 -10.43 28.12
C ASP E 72 41.76 -10.66 28.20
N PRO E 73 42.61 -9.78 27.67
CA PRO E 73 44.06 -9.97 27.75
C PRO E 73 44.64 -10.12 29.16
N ASN E 74 44.00 -9.55 30.19
CA ASN E 74 44.60 -9.62 31.53
C ASN E 74 44.15 -10.86 32.29
N ASN E 75 42.96 -11.38 31.94
CA ASN E 75 42.47 -12.62 32.57
C ASN E 75 42.53 -13.76 31.55
N PRO E 76 43.70 -14.40 31.35
CA PRO E 76 43.82 -15.53 30.42
C PRO E 76 42.83 -16.66 30.74
N GLY E 77 41.96 -17.00 29.78
CA GLY E 77 40.97 -18.08 29.98
C GLY E 77 39.59 -17.51 30.27
N GLU E 78 39.48 -16.18 30.35
CA GLU E 78 38.18 -15.52 30.66
C GLU E 78 37.84 -14.54 29.53
N LYS E 79 36.55 -14.23 29.35
CA LYS E 79 36.15 -13.22 28.33
C LYS E 79 36.03 -11.87 29.04
N SER E 81 34.85 -8.85 31.02
CA SER E 81 33.73 -8.66 31.93
C SER E 81 32.66 -7.78 31.30
N LEU E 82 31.42 -8.23 31.46
CA LEU E 82 30.25 -7.51 30.95
C LEU E 82 29.72 -6.50 31.96
N ALA E 83 30.41 -6.33 33.09
CA ALA E 83 29.92 -5.44 34.14
C ALA E 83 29.68 -4.02 33.65
N PRO E 84 30.58 -3.38 32.88
CA PRO E 84 30.28 -2.01 32.43
C PRO E 84 29.00 -1.89 31.62
N PHE E 85 28.62 -2.97 30.93
CA PHE E 85 27.40 -2.93 30.13
C PHE E 85 26.19 -3.31 30.97
N ILE E 86 26.39 -4.10 32.02
CA ILE E 86 25.31 -4.41 32.94
C ILE E 86 24.93 -3.17 33.75
N GLU E 87 25.94 -2.42 34.21
CA GLU E 87 25.84 -1.09 34.80
C GLU E 87 24.89 -0.20 34.03
N ARG E 88 25.34 0.01 32.78
CA ARG E 88 24.67 0.96 31.91
C ARG E 88 23.26 0.52 31.58
N ALA E 89 23.08 -0.78 31.36
CA ALA E 89 21.75 -1.32 31.06
C ALA E 89 20.85 -1.26 32.31
N GLU E 90 21.37 -1.47 33.51
CA GLU E 90 20.58 -1.38 34.72
C GLU E 90 19.87 -0.04 34.85
N LYS E 91 20.52 1.06 34.47
CA LYS E 91 19.94 2.39 34.48
C LYS E 91 18.81 2.57 33.47
N LEU E 92 18.47 1.54 32.72
CA LEU E 92 17.42 1.68 31.66
C LEU E 92 16.10 1.03 32.13
N CYS E 93 16.15 0.28 33.22
CA CYS E 93 14.94 -0.34 33.82
C CYS E 93 14.20 0.75 34.59
N GLN F 3 3.32 26.10 -17.54
CA GLN F 3 2.77 25.37 -18.67
C GLN F 3 1.31 24.99 -18.39
N VAL F 4 0.98 24.81 -17.11
CA VAL F 4 -0.39 24.57 -16.66
C VAL F 4 -0.66 25.47 -15.47
N ILE F 5 -1.78 26.19 -15.50
CA ILE F 5 -2.18 27.05 -14.40
C ILE F 5 -3.61 26.70 -13.99
N THR F 6 -3.97 27.13 -12.79
CA THR F 6 -5.30 26.94 -12.24
C THR F 6 -6.04 28.28 -12.24
N VAL F 7 -7.24 28.30 -12.81
CA VAL F 7 -8.09 29.47 -12.76
C VAL F 7 -9.35 29.10 -11.99
N SER F 8 -9.95 30.10 -11.34
CA SER F 8 -11.09 29.89 -10.46
C SER F 8 -12.20 30.86 -10.78
N ARG F 9 -13.42 30.50 -10.35
CA ARG F 9 -14.56 31.39 -10.53
C ARG F 9 -14.38 32.69 -9.76
N PHE F 10 -13.72 32.61 -8.60
CA PHE F 10 -13.42 33.82 -7.84
C PHE F 10 -12.63 34.82 -8.68
N GLU F 11 -11.65 34.34 -9.45
CA GLU F 11 -10.88 35.22 -10.30
C GLU F 11 -11.69 35.71 -11.50
N VAL F 12 -12.36 34.79 -12.18
CA VAL F 12 -13.09 35.16 -13.40
C VAL F 12 -14.46 35.75 -13.09
N GLY F 13 -15.09 35.34 -12.00
CA GLY F 13 -16.42 35.83 -11.67
C GLY F 13 -17.51 34.96 -12.22
N LYS F 14 -18.58 34.78 -11.44
CA LYS F 14 -19.69 33.93 -11.88
C LYS F 14 -20.35 34.44 -13.14
N ASP F 15 -20.20 35.74 -13.45
CA ASP F 15 -20.80 36.27 -14.67
C ASP F 15 -20.25 35.59 -15.92
N LYS F 16 -18.97 35.21 -15.91
CA LYS F 16 -18.35 34.64 -17.09
C LYS F 16 -17.83 33.22 -16.89
N TRP F 17 -17.70 32.74 -15.66
CA TRP F 17 -17.29 31.37 -15.42
C TRP F 17 -18.19 30.41 -16.21
N ALA F 18 -17.56 29.49 -16.93
CA ALA F 18 -18.26 28.69 -17.93
C ALA F 18 -18.27 27.21 -17.62
N PHE F 19 -17.89 26.81 -16.40
CA PHE F 19 -17.73 25.39 -16.10
C PHE F 19 -18.50 25.02 -14.84
N ASN F 20 -18.77 23.73 -14.68
CA ASN F 20 -19.52 23.16 -13.52
C ASN F 20 -18.67 22.82 -12.31
N ARG F 21 -17.42 23.27 -12.26
CA ARG F 21 -16.56 23.15 -11.07
C ARG F 21 -16.04 24.55 -10.73
N GLU F 22 -15.74 24.89 -9.48
CA GLU F 22 -15.29 26.27 -9.24
C GLU F 22 -13.81 26.48 -9.60
N GLU F 23 -13.03 25.42 -9.86
CA GLU F 23 -11.62 25.56 -10.27
C GLU F 23 -11.30 24.62 -11.44
N VAL F 24 -10.70 25.10 -12.53
CA VAL F 24 -10.21 24.25 -13.61
C VAL F 24 -8.81 24.73 -13.99
N LEU F 26 -5.70 25.26 -17.00
CA LEU F 26 -5.54 25.70 -18.38
C LEU F 26 -4.11 25.41 -18.85
N THR F 27 -3.99 25.07 -20.12
CA THR F 27 -2.68 24.79 -20.70
C THR F 27 -2.72 25.11 -22.19
N CYS F 28 -1.51 25.27 -22.68
CA CYS F 28 -1.34 25.52 -24.11
C CYS F 28 -0.23 24.61 -24.59
N ARG F 29 -0.50 23.79 -25.55
CA ARG F 29 0.53 22.86 -26.00
C ARG F 29 0.98 23.34 -27.38
N PRO F 30 2.11 22.84 -27.89
CA PRO F 30 2.61 23.30 -29.15
C PRO F 30 1.58 23.34 -30.28
N GLY F 31 1.66 24.35 -31.10
CA GLY F 31 0.68 24.51 -32.18
C GLY F 31 -0.45 25.40 -31.76
N ASN F 32 -0.36 25.97 -30.57
CA ASN F 32 -1.40 26.84 -30.03
C ASN F 32 -2.68 26.04 -29.75
N ALA F 33 -2.49 24.86 -29.17
CA ALA F 33 -3.58 23.94 -28.84
C ALA F 33 -3.97 24.18 -27.38
N LEU F 34 -5.09 24.85 -27.17
CA LEU F 34 -5.52 25.20 -25.83
C LEU F 34 -6.47 24.16 -25.27
N TYR F 35 -6.23 23.75 -24.03
CA TYR F 35 -7.02 22.71 -23.38
C TYR F 35 -7.40 23.16 -21.98
N VAL F 36 -8.47 22.55 -21.46
CA VAL F 36 -9.05 22.82 -20.10
C VAL F 36 -8.93 21.55 -19.27
N ILE F 37 -8.39 21.60 -18.08
CA ILE F 37 -8.19 20.35 -17.32
C ILE F 37 -8.96 20.35 -16.01
N ASN F 38 -9.56 19.22 -15.72
CA ASN F 38 -10.30 18.98 -14.47
C ASN F 38 -9.29 18.58 -13.41
N PRO F 39 -9.16 19.37 -12.33
CA PRO F 39 -8.21 19.10 -11.27
C PRO F 39 -8.40 17.79 -10.51
N SER F 40 -9.61 17.28 -10.37
CA SER F 40 -10.02 16.07 -9.65
C SER F 40 -9.57 14.78 -10.36
N THR F 41 -9.76 14.82 -11.64
CA THR F 41 -9.68 13.65 -12.54
C THR F 41 -8.64 13.77 -13.66
N LEU F 42 -8.09 14.95 -13.89
CA LEU F 42 -7.05 15.18 -14.92
C LEU F 42 -7.58 15.02 -16.33
N VAL F 43 -8.89 14.82 -16.50
CA VAL F 43 -9.47 14.60 -17.85
C VAL F 43 -9.42 15.94 -18.59
N GLN F 44 -9.10 15.94 -19.89
CA GLN F 44 -8.98 17.22 -20.63
C GLN F 44 -10.14 17.42 -21.61
N TYR F 45 -10.32 18.68 -21.98
CA TYR F 45 -11.31 19.22 -22.93
C TYR F 45 -10.70 20.24 -23.89
N PRO F 46 -10.99 20.17 -25.20
CA PRO F 46 -10.47 21.11 -26.17
C PRO F 46 -11.16 22.48 -26.07
N LEU F 47 -10.37 23.53 -25.96
CA LEU F 47 -10.84 24.91 -25.81
C LEU F 47 -10.90 25.61 -27.15
N ASN F 48 -9.90 25.45 -28.00
CA ASN F 48 -9.90 26.16 -29.31
C ASN F 48 -10.03 25.20 -30.50
N ASP F 49 -10.06 25.74 -31.69
CA ASP F 49 -10.19 24.90 -32.88
C ASP F 49 -9.01 23.96 -33.04
N ILE F 50 -7.80 24.43 -32.75
CA ILE F 50 -6.62 23.58 -32.85
C ILE F 50 -6.78 22.35 -31.98
N ALA F 51 -7.13 22.58 -30.74
CA ALA F 51 -7.32 21.46 -29.80
C ALA F 51 -8.45 20.56 -30.29
N GLN F 52 -9.52 21.14 -30.82
CA GLN F 52 -10.63 20.33 -31.35
C GLN F 52 -10.14 19.39 -32.45
N LYS F 53 -9.29 19.87 -33.35
CA LYS F 53 -8.75 19.00 -34.41
C LYS F 53 -7.84 17.95 -33.80
N GLU F 54 -7.01 18.29 -32.81
CA GLU F 54 -6.18 17.24 -32.16
C GLU F 54 -7.08 16.13 -31.61
N VAL F 55 -8.24 16.48 -31.06
CA VAL F 55 -9.10 15.43 -30.45
C VAL F 55 -9.75 14.66 -31.58
N ALA F 56 -10.21 15.35 -32.60
CA ALA F 56 -10.90 14.69 -33.70
C ALA F 56 -9.99 13.68 -34.37
N SER F 57 -8.71 14.02 -34.53
CA SER F 57 -7.78 13.13 -35.21
C SER F 57 -7.15 12.12 -34.26
N GLY F 58 -7.61 12.05 -33.01
CA GLY F 58 -7.05 11.13 -32.07
C GLY F 58 -5.65 11.46 -31.60
N LYS F 59 -5.14 12.65 -31.92
CA LYS F 59 -3.81 13.03 -31.46
C LYS F 59 -3.75 13.13 -29.94
N THR F 60 -4.82 13.62 -29.32
CA THR F 60 -4.90 13.83 -27.88
C THR F 60 -6.16 13.16 -27.36
N ASN F 61 -6.05 12.35 -26.30
CA ASN F 61 -7.21 11.77 -25.66
C ASN F 61 -7.92 12.84 -24.84
N ALA F 62 -9.16 13.14 -25.21
CA ALA F 62 -9.91 14.16 -24.49
C ALA F 62 -11.40 13.88 -24.63
N GLN F 63 -12.17 14.55 -23.79
CA GLN F 63 -13.63 14.47 -23.81
C GLN F 63 -14.19 15.79 -24.33
N PRO F 64 -15.42 15.80 -24.86
CA PRO F 64 -16.01 17.06 -25.30
C PRO F 64 -16.17 18.05 -24.14
N ILE F 65 -15.91 19.30 -24.45
CA ILE F 65 -15.95 20.36 -23.40
C ILE F 65 -17.38 20.56 -22.90
N SER F 66 -18.34 20.08 -23.68
CA SER F 66 -19.78 20.11 -23.36
C SER F 66 -20.05 19.47 -22.00
N VAL F 67 -19.27 18.46 -21.66
CA VAL F 67 -19.33 17.71 -20.38
C VAL F 67 -19.18 18.63 -19.17
N ILE F 68 -18.29 19.61 -19.20
CA ILE F 68 -18.16 20.46 -17.99
C ILE F 68 -18.65 21.88 -18.23
N GLN F 69 -19.03 22.20 -19.45
CA GLN F 69 -19.45 23.56 -19.78
C GLN F 69 -20.88 23.80 -19.31
N ILE F 70 -21.08 24.90 -18.58
CA ILE F 70 -22.37 25.19 -17.99
C ILE F 70 -23.18 26.07 -18.94
N ASP F 71 -24.48 26.13 -18.68
CA ASP F 71 -25.38 26.95 -19.47
C ASP F 71 -25.18 28.43 -19.15
N ASP F 72 -25.39 29.27 -20.15
CA ASP F 72 -25.37 30.72 -20.02
C ASP F 72 -26.71 31.23 -19.55
N PRO F 73 -26.82 32.01 -18.44
CA PRO F 73 -28.14 32.43 -17.99
C PRO F 73 -28.84 33.36 -19.00
N ASN F 74 -28.07 34.08 -19.82
CA ASN F 74 -28.65 35.05 -20.80
C ASN F 74 -29.24 34.25 -21.95
N ASN F 75 -28.39 33.59 -22.75
CA ASN F 75 -28.90 32.73 -23.85
C ASN F 75 -29.50 31.47 -23.21
N PRO F 76 -30.78 31.13 -23.47
CA PRO F 76 -31.44 29.98 -22.84
C PRO F 76 -30.97 28.64 -23.43
N GLY F 77 -30.62 28.60 -24.72
CA GLY F 77 -30.08 27.38 -25.33
C GLY F 77 -28.63 27.56 -25.71
N GLU F 78 -27.99 28.57 -25.16
CA GLU F 78 -26.58 28.76 -25.49
C GLU F 78 -25.72 28.33 -24.31
N LYS F 79 -24.50 27.96 -24.64
CA LYS F 79 -23.54 27.62 -23.55
C LYS F 79 -22.74 28.86 -23.18
N SER F 81 -19.78 31.31 -22.79
CA SER F 81 -18.76 31.44 -23.80
C SER F 81 -17.38 31.13 -23.23
N LEU F 82 -16.59 30.59 -24.17
CA LEU F 82 -15.25 30.13 -23.89
C LEU F 82 -14.20 31.20 -24.15
N ALA F 83 -14.59 32.31 -24.75
CA ALA F 83 -13.62 33.36 -25.08
C ALA F 83 -12.77 33.80 -23.90
N PRO F 84 -13.30 33.97 -22.68
CA PRO F 84 -12.42 34.39 -21.57
C PRO F 84 -11.28 33.42 -21.30
N PHE F 85 -11.51 32.13 -21.51
CA PHE F 85 -10.50 31.14 -21.18
C PHE F 85 -9.54 30.92 -22.33
N ILE F 86 -9.95 31.15 -23.56
CA ILE F 86 -8.99 31.09 -24.70
C ILE F 86 -7.97 32.22 -24.51
N GLU F 87 -8.42 33.36 -24.00
CA GLU F 87 -7.56 34.54 -23.79
C GLU F 87 -6.53 34.26 -22.72
N ARG F 88 -6.95 33.63 -21.63
CA ARG F 88 -6.03 33.27 -20.53
C ARG F 88 -5.07 32.17 -20.96
N ALA F 89 -5.58 31.10 -21.57
CA ALA F 89 -4.72 30.03 -22.03
C ALA F 89 -3.70 30.48 -23.07
N GLU F 90 -4.06 31.40 -23.96
CA GLU F 90 -3.14 31.88 -25.02
C GLU F 90 -1.88 32.51 -24.40
N LYS F 91 -1.98 33.00 -23.17
CA LYS F 91 -0.85 33.68 -22.49
C LYS F 91 0.18 32.65 -22.02
N LEU F 92 -0.16 31.37 -22.11
CA LEU F 92 0.74 30.29 -21.62
C LEU F 92 1.52 29.71 -22.79
N CYS F 93 1.24 30.13 -24.01
CA CYS F 93 1.89 29.47 -25.17
C CYS F 93 3.36 29.93 -25.29
N VAL F 94 4.22 29.02 -25.74
CA VAL F 94 5.67 29.32 -25.85
C VAL F 94 6.13 29.02 -27.28
N PRO G 2 40.81 -22.55 44.51
CA PRO G 2 41.88 -22.18 45.42
C PRO G 2 41.73 -20.78 46.03
N GLN G 3 40.99 -19.91 45.35
CA GLN G 3 40.78 -18.52 45.87
C GLN G 3 39.36 -18.43 46.43
N VAL G 4 39.19 -17.74 47.57
CA VAL G 4 37.85 -17.64 48.22
C VAL G 4 37.72 -16.28 48.91
N ILE G 5 36.64 -15.54 48.65
CA ILE G 5 36.43 -14.25 49.38
C ILE G 5 35.03 -14.23 49.99
N THR G 6 34.82 -13.34 50.96
CA THR G 6 33.52 -13.18 51.63
C THR G 6 32.99 -11.82 51.24
N VAL G 7 31.74 -11.77 50.79
CA VAL G 7 31.01 -10.53 50.45
C VAL G 7 29.81 -10.44 51.39
N SER G 8 29.37 -9.24 51.71
CA SER G 8 28.28 -9.08 52.68
C SER G 8 27.21 -8.14 52.17
N ARG G 9 26.04 -8.19 52.79
CA ARG G 9 24.92 -7.32 52.42
C ARG G 9 25.28 -5.90 52.84
N PHE G 10 25.95 -5.78 53.96
CA PHE G 10 26.32 -4.44 54.44
C PHE G 10 27.24 -3.74 53.44
N GLU G 11 28.14 -4.47 52.82
CA GLU G 11 29.08 -3.91 51.83
C GLU G 11 28.38 -3.67 50.48
N VAL G 12 27.80 -4.73 49.92
CA VAL G 12 27.15 -4.65 48.58
C VAL G 12 25.91 -3.78 48.69
N GLY G 13 25.25 -3.72 49.83
CA GLY G 13 24.00 -2.96 49.90
C GLY G 13 22.84 -3.87 49.61
N LYS G 14 21.72 -3.68 50.34
CA LYS G 14 20.51 -4.55 50.20
C LYS G 14 19.89 -4.43 48.80
N ASP G 15 20.09 -3.31 48.12
CA ASP G 15 19.45 -3.11 46.81
C ASP G 15 19.93 -4.16 45.80
N LYS G 16 21.17 -4.63 45.93
CA LYS G 16 21.71 -5.57 44.92
C LYS G 16 21.99 -6.93 45.56
N TRP G 17 21.89 -6.99 46.88
CA TRP G 17 22.10 -8.27 47.60
C TRP G 17 21.06 -9.29 47.12
N ALA G 18 21.51 -10.44 46.67
CA ALA G 18 20.61 -11.39 46.02
C ALA G 18 20.42 -12.64 46.86
N PHE G 19 20.90 -12.62 48.10
CA PHE G 19 20.90 -13.83 48.92
C PHE G 19 20.15 -13.60 50.22
N ASN G 20 19.69 -14.68 50.83
CA ASN G 20 18.81 -14.65 52.04
C ASN G 20 19.60 -14.78 53.32
N ARG G 21 20.72 -14.09 53.39
CA ARG G 21 21.60 -14.08 54.57
C ARG G 21 22.59 -12.91 54.44
N GLU G 22 23.26 -12.58 55.51
CA GLU G 22 24.11 -11.39 55.50
C GLU G 22 25.43 -11.61 54.73
N GLU G 23 25.93 -12.83 54.65
CA GLU G 23 27.22 -13.04 54.00
C GLU G 23 27.23 -14.36 53.27
N VAL G 24 27.98 -14.39 52.18
CA VAL G 24 28.21 -15.59 51.35
C VAL G 24 29.69 -15.61 50.94
N LEU G 26 32.58 -16.69 47.87
CA LEU G 26 32.67 -16.76 46.40
C LEU G 26 33.99 -17.40 46.06
N THR G 27 34.03 -18.25 45.07
CA THR G 27 35.30 -18.89 44.72
C THR G 27 35.31 -19.22 43.24
N CYS G 28 36.51 -19.30 42.68
CA CYS G 28 36.60 -19.80 41.30
C CYS G 28 37.41 -21.07 41.40
N ARG G 29 36.93 -22.16 40.82
CA ARG G 29 37.62 -23.48 40.95
C ARG G 29 38.30 -23.83 39.62
N PRO G 30 39.25 -24.80 39.57
CA PRO G 30 39.85 -25.24 38.30
C PRO G 30 38.80 -25.49 37.21
N GLY G 31 39.14 -25.20 35.96
CA GLY G 31 38.14 -25.33 34.88
C GLY G 31 37.27 -24.09 34.85
N ASN G 32 37.55 -23.13 35.75
CA ASN G 32 36.78 -21.85 35.81
C ASN G 32 35.34 -22.12 36.27
N ALA G 33 35.17 -23.07 37.18
CA ALA G 33 33.87 -23.38 37.79
C ALA G 33 33.62 -22.35 38.91
N LEU G 34 32.58 -21.56 38.79
CA LEU G 34 32.27 -20.52 39.80
C LEU G 34 31.17 -21.00 40.74
N TYR G 35 31.30 -20.70 42.02
CA TYR G 35 30.25 -21.06 42.99
C TYR G 35 30.17 -20.07 44.12
N VAL G 36 29.00 -20.06 44.74
CA VAL G 36 28.70 -19.32 46.00
C VAL G 36 28.74 -20.39 47.09
N ILE G 37 29.26 -20.03 48.25
CA ILE G 37 29.34 -20.96 49.39
C ILE G 37 28.60 -20.37 50.57
N ASN G 38 27.85 -21.20 51.27
CA ASN G 38 27.08 -20.80 52.45
C ASN G 38 28.03 -20.68 53.63
N PRO G 39 28.17 -19.53 54.28
CA PRO G 39 29.08 -19.39 55.41
C PRO G 39 28.77 -20.15 56.71
N SER G 40 27.60 -20.73 56.80
CA SER G 40 27.15 -21.50 57.96
C SER G 40 27.24 -23.01 57.69
N THR G 41 26.79 -23.45 56.53
CA THR G 41 26.70 -24.90 56.27
C THR G 41 27.72 -25.34 55.24
N LEU G 42 28.42 -24.41 54.64
CA LEU G 42 29.40 -24.63 53.57
C LEU G 42 28.92 -25.51 52.41
N VAL G 43 27.65 -25.34 52.06
CA VAL G 43 26.99 -25.89 50.85
C VAL G 43 27.42 -24.97 49.72
N GLN G 44 27.57 -25.52 48.53
CA GLN G 44 28.00 -24.77 47.34
C GLN G 44 26.85 -24.67 46.37
N TYR G 45 26.69 -23.53 45.76
CA TYR G 45 25.65 -23.33 44.76
C TYR G 45 26.38 -22.90 43.50
N PRO G 46 26.13 -23.55 42.34
CA PRO G 46 26.79 -23.24 41.08
C PRO G 46 26.44 -21.86 40.56
N LEU G 47 27.44 -21.11 40.14
CA LEU G 47 27.23 -19.74 39.60
C LEU G 47 27.33 -19.73 38.07
N ASN G 48 27.79 -20.82 37.45
CA ASN G 48 27.94 -20.82 35.98
C ASN G 48 27.71 -22.21 35.41
N ASP G 49 27.72 -22.30 34.08
CA ASP G 49 27.44 -23.56 33.39
C ASP G 49 28.44 -24.64 33.77
N ILE G 50 29.71 -24.31 33.93
CA ILE G 50 30.73 -25.35 34.23
C ILE G 50 30.38 -25.94 35.58
N ALA G 51 30.07 -25.07 36.52
CA ALA G 51 29.66 -25.42 37.89
C ALA G 51 28.37 -26.23 37.82
N GLN G 52 27.50 -25.83 36.92
CA GLN G 52 26.21 -26.52 36.83
C GLN G 52 26.44 -27.93 36.31
N LYS G 53 27.40 -28.16 35.40
CA LYS G 53 27.60 -29.53 34.90
C LYS G 53 28.25 -30.38 35.98
N GLU G 54 29.19 -29.81 36.70
CA GLU G 54 29.87 -30.51 37.81
C GLU G 54 28.85 -30.93 38.86
N VAL G 55 27.83 -30.12 39.07
CA VAL G 55 26.78 -30.41 40.09
C VAL G 55 25.91 -31.55 39.57
N ALA G 56 25.72 -31.59 38.26
CA ALA G 56 24.84 -32.58 37.62
C ALA G 56 25.62 -33.83 37.22
N SER G 57 26.92 -33.69 37.02
CA SER G 57 27.73 -34.87 36.67
C SER G 57 27.80 -35.79 37.89
N GLY G 58 27.39 -35.31 39.06
CA GLY G 58 27.49 -36.18 40.23
C GLY G 58 27.56 -35.39 41.52
N LYS G 59 27.57 -36.08 42.65
CA LYS G 59 27.42 -35.44 43.98
C LYS G 59 28.62 -34.66 44.53
N THR G 60 28.34 -33.39 44.79
CA THR G 60 29.21 -32.46 45.53
C THR G 60 28.40 -32.01 46.75
N ASN G 61 28.88 -31.06 47.52
CA ASN G 61 28.04 -30.59 48.63
C ASN G 61 27.28 -29.41 48.05
N ALA G 62 26.34 -29.70 47.21
CA ALA G 62 25.75 -28.63 46.42
C ALA G 62 24.25 -28.63 46.42
N GLN G 63 23.71 -27.43 46.24
CA GLN G 63 22.28 -27.20 46.10
C GLN G 63 22.13 -26.21 44.96
N PRO G 64 20.95 -26.18 44.30
CA PRO G 64 20.65 -25.22 43.30
C PRO G 64 20.74 -23.84 43.93
N ILE G 65 21.15 -22.86 43.14
CA ILE G 65 21.33 -21.50 43.71
C ILE G 65 20.01 -20.90 44.18
N SER G 66 18.85 -21.27 43.64
CA SER G 66 17.49 -20.89 44.06
C SER G 66 17.26 -21.00 45.57
N VAL G 67 17.87 -21.97 46.22
CA VAL G 67 17.72 -22.24 47.66
C VAL G 67 18.14 -21.03 48.51
N ILE G 68 19.16 -20.28 48.13
CA ILE G 68 19.58 -19.11 48.96
C ILE G 68 19.25 -17.82 48.22
N GLN G 69 18.79 -17.93 46.99
CA GLN G 69 18.48 -16.74 46.18
C GLN G 69 17.14 -16.12 46.59
N ILE G 70 17.11 -14.81 46.76
CA ILE G 70 15.87 -14.10 47.16
C ILE G 70 15.34 -13.31 45.98
N ASP G 71 14.12 -12.84 46.07
CA ASP G 71 13.54 -12.09 44.94
C ASP G 71 13.80 -10.61 45.07
N ASP G 72 13.66 -9.89 43.96
CA ASP G 72 13.78 -8.40 43.98
C ASP G 72 12.44 -7.85 44.47
N PRO G 73 12.30 -7.06 45.59
CA PRO G 73 10.98 -6.67 46.07
C PRO G 73 10.28 -5.76 45.06
N ASN G 74 11.05 -5.26 44.08
CA ASN G 74 10.54 -4.32 43.03
C ASN G 74 10.36 -5.05 41.69
N ASN G 75 10.07 -6.34 41.76
CA ASN G 75 9.84 -7.27 40.63
C ASN G 75 9.37 -8.59 41.27
N PRO G 76 8.15 -8.70 41.82
CA PRO G 76 7.73 -9.91 42.50
C PRO G 76 7.83 -11.15 41.60
N GLY G 77 8.26 -12.27 42.17
CA GLY G 77 8.43 -13.51 41.38
C GLY G 77 9.65 -13.43 40.49
N GLU G 78 10.37 -12.31 40.53
CA GLU G 78 11.62 -12.16 39.73
C GLU G 78 12.83 -12.10 40.66
N LYS G 79 13.75 -13.05 40.49
CA LYS G 79 14.92 -13.17 41.40
C LYS G 79 15.85 -11.97 41.32
N SER G 81 19.36 -10.30 40.62
CA SER G 81 20.33 -10.79 39.63
C SER G 81 21.62 -11.20 40.33
N LEU G 82 22.21 -12.24 39.82
CA LEU G 82 23.47 -12.74 40.40
C LEU G 82 24.66 -12.06 39.71
N ALA G 83 24.43 -11.23 38.70
CA ALA G 83 25.47 -10.60 37.86
C ALA G 83 26.61 -10.05 38.71
N PRO G 84 26.33 -9.24 39.75
CA PRO G 84 27.38 -8.75 40.63
C PRO G 84 28.28 -9.85 41.23
N PHE G 85 27.71 -10.97 41.60
CA PHE G 85 28.51 -12.03 42.21
C PHE G 85 29.25 -12.84 41.16
N ILE G 86 28.65 -13.06 40.01
CA ILE G 86 29.33 -13.84 38.94
C ILE G 86 30.60 -13.10 38.51
N GLU G 87 30.53 -11.78 38.35
CA GLU G 87 31.71 -10.99 37.90
C GLU G 87 32.77 -10.97 39.01
N ARG G 88 32.35 -10.92 40.27
CA ARG G 88 33.31 -10.89 41.41
C ARG G 88 34.04 -12.24 41.50
N ALA G 89 33.33 -13.35 41.25
CA ALA G 89 33.92 -14.70 41.36
C ALA G 89 34.83 -14.98 40.17
N GLU G 90 34.52 -14.42 39.01
CA GLU G 90 35.36 -14.57 37.79
C GLU G 90 36.72 -13.92 37.99
N LYS G 91 36.78 -12.85 38.81
CA LYS G 91 38.06 -12.14 39.08
C LYS G 91 39.02 -13.07 39.82
N LEU G 92 38.49 -14.09 40.50
CA LEU G 92 39.34 -15.01 41.29
C LEU G 92 39.93 -16.13 40.39
N CYS G 93 39.54 -16.23 39.11
CA CYS G 93 40.13 -17.32 38.28
C CYS G 93 41.62 -17.04 38.06
N VAL G 94 42.04 -15.77 37.93
CA VAL G 94 43.51 -15.49 37.89
C VAL G 94 43.88 -14.69 39.14
N GLN H 3 23.63 4.32 13.89
CA GLN H 3 22.82 3.90 12.72
C GLN H 3 21.44 3.41 13.14
N VAL H 4 21.13 3.43 14.43
CA VAL H 4 19.78 3.09 14.92
C VAL H 4 19.46 4.10 16.02
N ILE H 5 18.36 4.83 15.88
CA ILE H 5 17.99 5.85 16.88
C ILE H 5 16.59 5.56 17.39
N THR H 6 16.23 6.17 18.51
CA THR H 6 14.88 6.02 19.05
C THR H 6 14.09 7.30 18.79
N VAL H 7 12.85 7.17 18.35
CA VAL H 7 11.97 8.31 18.16
C VAL H 7 10.66 8.02 18.90
N SER H 8 10.13 9.02 19.58
CA SER H 8 9.05 9.01 20.55
C SER H 8 7.89 9.87 20.07
N ARG H 9 6.65 9.53 20.38
CA ARG H 9 5.53 10.44 20.21
C ARG H 9 5.81 11.82 20.80
N PHE H 10 6.62 11.92 21.86
CA PHE H 10 6.93 13.21 22.45
C PHE H 10 7.65 14.14 21.47
N GLU H 11 8.58 13.62 20.68
CA GLU H 11 9.30 14.43 19.71
C GLU H 11 8.54 14.57 18.39
N VAL H 12 7.91 13.49 17.92
CA VAL H 12 7.16 13.57 16.67
C VAL H 12 5.81 14.24 16.90
N GLY H 13 5.17 13.91 18.02
CA GLY H 13 3.88 14.48 18.35
C GLY H 13 2.74 13.52 18.03
N LYS H 14 1.68 13.62 18.84
CA LYS H 14 0.47 12.85 18.63
C LYS H 14 -0.14 13.07 17.25
N ASP H 15 -0.06 14.27 16.71
CA ASP H 15 -0.65 14.59 15.42
C ASP H 15 -0.11 13.73 14.29
N LYS H 16 1.19 13.41 14.31
CA LYS H 16 1.79 12.62 13.25
C LYS H 16 2.33 11.27 13.72
N TRP H 17 2.25 10.96 15.01
CA TRP H 17 2.66 9.66 15.48
C TRP H 17 1.79 8.57 14.86
N ALA H 18 2.43 7.51 14.39
CA ALA H 18 1.74 6.56 13.51
C ALA H 18 1.77 5.13 14.02
N PHE H 19 2.22 4.90 15.25
CA PHE H 19 2.39 3.55 15.74
C PHE H 19 1.64 3.35 17.05
N ASN H 20 1.43 2.08 17.38
CA ASN H 20 0.65 1.62 18.56
C ASN H 20 1.47 1.58 19.85
N ARG H 21 2.60 2.23 19.85
CA ARG H 21 3.46 2.29 21.05
C ARG H 21 4.03 3.70 21.11
N GLU H 22 4.53 4.13 22.27
CA GLU H 22 4.97 5.55 22.38
C GLU H 22 6.38 5.74 21.81
N GLU H 23 7.15 4.66 21.65
CA GLU H 23 8.51 4.78 21.05
C GLU H 23 8.79 3.69 20.03
N VAL H 24 9.51 4.03 18.95
CA VAL H 24 9.95 3.01 17.96
C VAL H 24 11.39 3.38 17.59
N LEU H 26 14.40 3.70 14.45
CA LEU H 26 14.49 3.88 12.98
C LEU H 26 15.92 3.57 12.53
N THR H 27 16.11 3.18 11.26
CA THR H 27 17.46 2.77 10.81
C THR H 27 17.61 2.88 9.29
N CYS H 28 18.81 3.21 8.80
CA CYS H 28 18.95 3.11 7.36
C CYS H 28 20.06 2.10 7.18
N ARG H 29 19.82 1.15 6.27
CA ARG H 29 20.79 0.07 6.01
C ARG H 29 21.42 0.25 4.61
N PRO H 30 22.61 -0.31 4.27
CA PRO H 30 23.15 -0.23 2.91
C PRO H 30 22.09 -0.33 1.80
N GLY H 31 22.14 0.57 0.82
CA GLY H 31 21.13 0.58 -0.25
C GLY H 31 20.03 1.58 0.10
N ASN H 32 20.06 2.14 1.32
CA ASN H 32 19.06 3.10 1.77
C ASN H 32 17.72 2.42 2.02
N ALA H 33 17.78 1.22 2.58
CA ALA H 33 16.61 0.46 2.98
C ALA H 33 16.25 0.87 4.41
N LEU H 34 15.10 1.53 4.54
CA LEU H 34 14.69 2.07 5.83
C LEU H 34 13.76 1.10 6.54
N TYR H 35 14.00 0.91 7.84
CA TYR H 35 13.23 -0.03 8.64
C TYR H 35 12.82 0.60 9.95
N VAL H 36 11.69 0.15 10.49
CA VAL H 36 11.23 0.51 11.83
C VAL H 36 11.44 -0.69 12.73
N ILE H 37 11.92 -0.44 13.95
CA ILE H 37 12.27 -1.50 14.87
C ILE H 37 11.43 -1.40 16.12
N ASN H 38 10.97 -2.55 16.61
CA ASN H 38 10.20 -2.62 17.84
C ASN H 38 11.15 -2.65 19.02
N PRO H 39 11.13 -1.64 19.89
CA PRO H 39 12.09 -1.64 21.02
C PRO H 39 11.89 -2.79 21.99
N SER H 40 10.76 -3.48 21.93
CA SER H 40 10.52 -4.54 22.91
C SER H 40 10.84 -5.92 22.36
N THR H 41 10.56 -6.17 21.08
CA THR H 41 10.78 -7.48 20.48
C THR H 41 11.96 -7.50 19.52
N LEU H 42 12.41 -6.34 19.06
CA LEU H 42 13.44 -6.06 18.06
C LEU H 42 13.07 -6.62 16.70
N VAL H 43 11.75 -6.76 16.59
CA VAL H 43 11.15 -7.06 15.30
C VAL H 43 11.24 -5.80 14.45
N GLN H 44 11.45 -6.03 13.16
CA GLN H 44 11.59 -4.92 12.24
C GLN H 44 10.50 -4.95 11.17
N TYR H 45 10.21 -3.78 10.62
CA TYR H 45 9.20 -3.61 9.59
C TYR H 45 9.73 -2.71 8.50
N PRO H 46 9.43 -3.02 7.24
CA PRO H 46 9.90 -2.17 6.13
C PRO H 46 9.23 -0.81 6.16
N LEU H 47 10.02 0.25 5.98
CA LEU H 47 9.53 1.61 6.03
C LEU H 47 9.36 2.21 4.62
N ASN H 48 10.33 1.99 3.74
CA ASN H 48 10.24 2.49 2.39
C ASN H 48 10.18 1.32 1.41
N ASP H 49 10.04 1.64 0.11
CA ASP H 49 9.90 0.60 -0.90
C ASP H 49 11.16 -0.24 -1.03
N ILE H 50 12.34 0.37 -0.89
CA ILE H 50 13.58 -0.38 -0.94
C ILE H 50 13.58 -1.48 0.12
N ALA H 51 13.13 -1.15 1.32
CA ALA H 51 13.04 -2.15 2.38
C ALA H 51 11.96 -3.17 2.08
N GLN H 52 10.87 -2.74 1.43
CA GLN H 52 9.82 -3.70 1.08
C GLN H 52 10.32 -4.73 0.08
N LYS H 53 11.15 -4.32 -0.89
CA LYS H 53 11.72 -5.28 -1.81
C LYS H 53 12.63 -6.27 -1.09
N GLU H 54 13.43 -5.78 -0.13
CA GLU H 54 14.31 -6.67 0.63
C GLU H 54 13.51 -7.77 1.32
N VAL H 55 12.47 -7.39 2.06
CA VAL H 55 11.62 -8.39 2.69
C VAL H 55 11.00 -9.30 1.63
N ALA H 56 10.46 -8.72 0.56
CA ALA H 56 9.85 -9.52 -0.49
C ALA H 56 10.85 -10.48 -1.12
N SER H 57 12.11 -10.07 -1.25
CA SER H 57 13.18 -10.88 -1.81
C SER H 57 13.64 -11.97 -0.85
N GLY H 58 13.25 -11.88 0.42
CA GLY H 58 13.73 -12.81 1.41
C GLY H 58 15.04 -12.41 2.06
N LYS H 59 15.62 -11.28 1.65
CA LYS H 59 16.89 -10.86 2.21
C LYS H 59 16.80 -10.66 3.72
N THR H 60 15.72 -10.05 4.18
CA THR H 60 15.54 -9.76 5.60
C THR H 60 14.24 -10.36 6.09
N ASN H 61 14.23 -10.78 7.36
CA ASN H 61 13.10 -11.34 8.10
C ASN H 61 12.35 -10.19 8.75
N ALA H 62 11.13 -9.84 8.34
CA ALA H 62 10.41 -8.72 8.92
C ALA H 62 8.92 -8.98 8.86
N GLN H 63 8.17 -8.18 9.61
CA GLN H 63 6.73 -8.22 9.67
C GLN H 63 6.14 -7.03 8.93
N PRO H 64 4.91 -7.16 8.43
CA PRO H 64 4.26 -6.00 7.80
C PRO H 64 4.10 -4.85 8.79
N ILE H 65 4.37 -3.64 8.32
CA ILE H 65 4.31 -2.48 9.20
C ILE H 65 2.90 -2.22 9.70
N SER H 66 1.88 -2.71 9.00
CA SER H 66 0.50 -2.58 9.45
C SER H 66 0.26 -3.27 10.79
N VAL H 67 1.22 -4.04 11.29
CA VAL H 67 1.10 -4.72 12.58
C VAL H 67 1.21 -3.71 13.71
N ILE H 68 2.04 -2.69 13.51
CA ILE H 68 2.21 -1.67 14.54
C ILE H 68 1.68 -0.32 14.08
N GLN H 69 1.46 -0.14 12.78
CA GLN H 69 0.95 1.13 12.26
C GLN H 69 -0.53 1.28 12.58
N ILE H 70 -0.89 2.40 13.19
CA ILE H 70 -2.26 2.65 13.62
C ILE H 70 -3.04 3.35 12.52
N ASP H 71 -4.35 3.50 12.74
CA ASP H 71 -5.21 4.15 11.71
C ASP H 71 -5.23 5.66 11.94
N ASP H 72 -5.68 6.43 10.94
CA ASP H 72 -5.68 7.92 11.05
C ASP H 72 -7.05 8.38 11.52
N PRO H 73 -7.18 8.98 12.72
CA PRO H 73 -8.48 9.53 13.16
C PRO H 73 -8.94 10.63 12.20
N ASN H 74 -8.00 11.41 11.64
CA ASN H 74 -8.36 12.54 10.74
C ASN H 74 -8.47 12.06 9.29
N ASN H 75 -8.19 10.77 9.03
CA ASN H 75 -8.34 10.24 7.67
C ASN H 75 -8.97 8.86 7.80
N PRO H 76 -10.32 8.77 8.01
CA PRO H 76 -11.00 7.49 8.25
C PRO H 76 -10.73 6.47 7.14
N GLY H 77 -10.39 5.26 7.56
CA GLY H 77 -10.14 4.19 6.63
C GLY H 77 -8.71 4.09 6.14
N GLU H 78 -7.84 5.02 6.53
CA GLU H 78 -6.45 5.02 6.09
C GLU H 78 -5.52 4.95 7.29
N LYS H 79 -4.35 4.39 7.06
CA LYS H 79 -3.32 4.28 8.07
C LYS H 79 -2.57 5.60 8.22
N SER H 81 0.28 8.27 8.27
CA SER H 81 1.31 8.41 7.25
C SER H 81 2.69 8.13 7.85
N LEU H 82 3.49 7.41 7.06
CA LEU H 82 4.85 7.07 7.43
C LEU H 82 5.85 8.14 6.98
N ALA H 83 5.38 9.17 6.28
CA ALA H 83 6.28 10.19 5.74
C ALA H 83 7.15 10.84 6.81
N PRO H 84 6.64 11.23 7.98
CA PRO H 84 7.54 11.81 9.00
C PRO H 84 8.65 10.87 9.45
N PHE H 85 8.39 9.56 9.45
CA PHE H 85 9.40 8.62 9.87
C PHE H 85 10.37 8.27 8.74
N ILE H 86 9.89 8.33 7.49
CA ILE H 86 10.79 8.18 6.36
C ILE H 86 11.74 9.37 6.28
N GLU H 87 11.26 10.56 6.65
CA GLU H 87 12.20 11.68 6.57
C GLU H 87 13.27 11.57 7.64
N ARG H 88 12.95 11.06 8.82
CA ARG H 88 13.96 10.90 9.88
C ARG H 88 14.93 9.76 9.56
N ALA H 89 14.43 8.67 8.98
CA ALA H 89 15.29 7.50 8.70
C ALA H 89 16.31 7.84 7.63
N GLU H 90 15.92 8.57 6.62
CA GLU H 90 16.82 8.94 5.50
C GLU H 90 17.98 9.83 5.95
N LYS H 91 17.91 10.50 7.09
CA LYS H 91 18.99 11.43 7.54
C LYS H 91 20.02 10.47 8.10
N LEU H 92 19.57 9.24 8.40
CA LEU H 92 20.49 8.20 8.96
C LEU H 92 21.31 7.57 7.83
N CYS H 93 20.92 7.79 6.56
CA CYS H 93 21.67 7.20 5.41
C CYS H 93 23.05 7.86 5.32
N VAL H 94 24.08 7.13 4.87
CA VAL H 94 25.49 7.60 4.88
C VAL H 94 26.37 6.52 4.22
N PRO I 2 -13.13 36.54 14.63
CA PRO I 2 -11.93 35.80 14.21
C PRO I 2 -11.86 34.41 14.85
N GLN I 3 -11.46 33.40 14.07
CA GLN I 3 -11.30 32.03 14.62
C GLN I 3 -9.99 31.94 15.40
N VAL I 4 -9.99 31.18 16.49
CA VAL I 4 -8.83 31.05 17.36
C VAL I 4 -8.81 29.60 17.84
N ILE I 5 -7.65 28.96 17.75
CA ILE I 5 -7.50 27.59 18.19
C ILE I 5 -6.24 27.46 19.03
N THR I 6 -6.16 26.35 19.78
CA THR I 6 -5.04 26.06 20.65
C THR I 6 -4.18 24.98 20.02
N VAL I 7 -2.86 25.12 20.15
CA VAL I 7 -1.93 24.10 19.69
C VAL I 7 -0.85 23.93 20.75
N SER I 8 -0.47 22.68 20.95
CA SER I 8 0.35 22.20 22.06
C SER I 8 1.59 21.50 21.52
N ARG I 9 2.69 21.54 22.27
CA ARG I 9 3.85 20.73 21.98
C ARG I 9 3.52 19.24 21.96
N PHE I 10 2.65 18.79 22.85
CA PHE I 10 2.15 17.42 22.82
C PHE I 10 1.60 17.03 21.45
N GLU I 11 0.89 17.95 20.78
CA GLU I 11 0.34 17.72 19.45
C GLU I 11 1.37 17.86 18.35
N VAL I 12 2.15 18.94 18.36
CA VAL I 12 3.14 19.26 17.34
C VAL I 12 4.36 18.36 17.46
N GLY I 13 4.75 18.08 18.69
CA GLY I 13 5.97 17.36 18.97
C GLY I 13 7.13 18.31 19.26
N LYS I 14 7.99 17.89 20.17
CA LYS I 14 9.15 18.68 20.57
C LYS I 14 10.12 18.92 19.42
N ASP I 15 10.13 18.06 18.41
CA ASP I 15 11.02 18.23 17.27
C ASP I 15 10.79 19.55 16.53
N LYS I 16 9.54 20.00 16.43
CA LYS I 16 9.22 21.22 15.71
C LYS I 16 8.68 22.33 16.59
N TRP I 17 8.30 22.05 17.83
CA TRP I 17 7.76 23.08 18.72
C TRP I 17 8.77 24.20 18.89
N ALA I 18 8.32 25.43 18.59
CA ALA I 18 9.23 26.56 18.46
C ALA I 18 8.94 27.61 19.52
N PHE I 19 8.27 27.20 20.61
CA PHE I 19 7.88 28.16 21.66
C PHE I 19 8.36 27.70 23.04
N ASN I 20 8.61 28.65 23.94
CA ASN I 20 9.06 28.35 25.33
C ASN I 20 7.85 27.99 26.16
N ARG I 21 6.64 28.04 25.59
CA ARG I 21 5.41 27.71 26.34
C ARG I 21 4.88 26.38 25.77
N GLU I 22 4.43 25.43 26.60
CA GLU I 22 3.99 24.09 26.14
C GLU I 22 2.66 24.19 25.39
N GLU I 23 2.08 25.39 25.31
CA GLU I 23 0.82 25.55 24.51
C GLU I 23 0.63 27.01 24.11
N VAL I 24 0.10 27.27 22.89
CA VAL I 24 -0.19 28.64 22.43
C VAL I 24 -1.45 28.62 21.59
N LEU I 26 -3.34 30.23 17.96
CA LEU I 26 -3.10 30.83 16.66
C LEU I 26 -4.40 31.43 16.19
N THR I 27 -4.34 32.48 15.41
CA THR I 27 -5.61 33.03 14.92
C THR I 27 -5.36 33.69 13.58
N CYS I 28 -6.38 33.86 12.79
CA CYS I 28 -6.16 34.56 11.52
C CYS I 28 -7.23 35.63 11.45
N ARG I 29 -6.82 36.90 11.30
CA ARG I 29 -7.77 38.04 11.21
C ARG I 29 -8.00 38.39 9.73
N PRO I 30 -9.06 39.13 9.37
CA PRO I 30 -9.27 39.58 7.98
C PRO I 30 -8.02 40.28 7.42
N GLY I 31 -7.75 40.09 6.13
CA GLY I 31 -6.51 40.65 5.54
C GLY I 31 -5.39 39.64 5.71
N ASN I 32 -5.74 38.39 6.06
CA ASN I 32 -4.74 37.30 6.24
C ASN I 32 -3.65 37.68 7.25
N ALA I 33 -4.01 38.35 8.35
CA ALA I 33 -3.06 38.67 9.42
C ALA I 33 -3.02 37.50 10.35
N LEU I 34 -1.89 36.85 10.47
CA LEU I 34 -1.69 35.72 11.37
C LEU I 34 -1.04 36.18 12.66
N TYR I 35 -1.61 35.76 13.78
CA TYR I 35 -1.11 36.14 15.10
C TYR I 35 -0.99 34.91 15.98
N VAL I 36 -0.04 34.94 16.90
CA VAL I 36 0.11 33.93 17.93
C VAL I 36 -0.29 34.56 19.26
N ILE I 37 -1.10 33.87 20.04
CA ILE I 37 -1.61 34.41 21.29
C ILE I 37 -1.15 33.54 22.44
N ASN I 38 -0.73 34.18 23.52
CA ASN I 38 -0.37 33.55 24.77
C ASN I 38 -1.61 33.17 25.56
N PRO I 39 -1.80 31.91 25.91
CA PRO I 39 -3.03 31.53 26.63
C PRO I 39 -3.03 31.94 28.09
N SER I 40 -1.90 32.45 28.58
CA SER I 40 -1.97 32.80 29.99
C SER I 40 -2.00 34.31 30.18
N THR I 41 -1.29 35.14 29.42
CA THR I 41 -1.38 36.58 29.54
C THR I 41 -2.29 37.21 28.50
N LEU I 42 -2.62 36.47 27.43
CA LEU I 42 -3.44 36.84 26.28
C LEU I 42 -2.80 37.97 25.49
N VAL I 43 -1.48 38.02 25.63
CA VAL I 43 -0.62 38.84 24.77
C VAL I 43 -0.54 38.15 23.42
N GLN I 44 -0.50 38.96 22.36
CA GLN I 44 -0.38 38.43 21.01
C GLN I 44 0.94 38.86 20.38
N TYR I 45 1.37 38.11 19.38
CA TYR I 45 2.60 38.33 18.64
C TYR I 45 2.35 38.11 17.17
N PRO I 46 2.89 38.96 16.30
CA PRO I 46 2.69 38.78 14.86
C PRO I 46 3.41 37.52 14.37
N LEU I 47 2.73 36.76 13.51
CA LEU I 47 3.25 35.49 13.04
C LEU I 47 3.75 35.56 11.59
N ASN I 48 3.19 36.47 10.80
CA ASN I 48 3.60 36.66 9.41
C ASN I 48 3.72 38.15 9.12
N ASP I 49 4.28 38.46 7.94
CA ASP I 49 4.55 39.84 7.58
C ASP I 49 3.27 40.67 7.55
N ILE I 50 2.14 40.04 7.18
CA ILE I 50 0.96 40.90 7.13
C ILE I 50 0.55 41.31 8.53
N ALA I 51 0.73 40.50 9.57
CA ALA I 51 0.49 40.97 10.93
C ALA I 51 1.59 41.90 11.40
N GLN I 52 2.83 41.67 10.95
CA GLN I 52 3.94 42.54 11.33
C GLN I 52 3.66 43.98 10.90
N LYS I 53 3.17 44.17 9.68
CA LYS I 53 2.82 45.51 9.23
C LYS I 53 1.72 46.11 10.10
N GLU I 54 0.79 45.28 10.57
CA GLU I 54 -0.24 45.79 11.48
C GLU I 54 0.36 46.27 12.79
N VAL I 55 1.36 45.56 13.29
CA VAL I 55 2.01 45.99 14.53
C VAL I 55 2.91 47.20 14.27
N ALA I 56 3.69 47.17 13.18
CA ALA I 56 4.56 48.30 12.86
C ALA I 56 3.77 49.59 12.73
N SER I 57 2.67 49.56 11.98
CA SER I 57 1.85 50.74 11.78
C SER I 57 0.96 51.06 12.98
N GLY I 58 1.00 50.23 14.01
CA GLY I 58 0.20 50.48 15.20
C GLY I 58 -1.27 50.20 15.05
N LYS I 59 -1.69 49.43 14.05
CA LYS I 59 -3.13 49.22 14.05
C LYS I 59 -3.54 48.12 15.03
N THR I 60 -2.60 47.37 15.58
CA THR I 60 -2.85 46.47 16.70
C THR I 60 -1.64 46.48 17.62
N ASN I 61 -1.92 46.36 18.93
CA ASN I 61 -0.81 46.31 19.91
C ASN I 61 -0.41 44.85 19.99
N ALA I 62 0.90 44.58 20.07
CA ALA I 62 1.36 43.19 20.23
C ALA I 62 2.77 43.19 20.82
N GLN I 63 3.36 42.01 20.98
CA GLN I 63 4.68 41.94 21.65
C GLN I 63 5.67 41.16 20.76
N PRO I 64 7.03 41.23 20.91
CA PRO I 64 7.89 40.56 19.93
C PRO I 64 7.83 39.05 20.07
N ILE I 65 7.61 38.37 18.94
CA ILE I 65 7.47 36.93 19.04
C ILE I 65 8.77 36.24 19.46
N SER I 66 9.89 36.95 19.53
CA SER I 66 11.12 36.40 20.05
C SER I 66 11.08 36.13 21.54
N VAL I 67 10.16 36.74 22.28
CA VAL I 67 10.14 36.48 23.71
C VAL I 67 9.52 35.12 24.03
N ILE I 68 8.78 34.52 23.10
CA ILE I 68 8.25 33.17 23.26
C ILE I 68 8.93 32.18 22.32
N GLN I 69 9.63 32.66 21.29
CA GLN I 69 10.27 31.76 20.34
C GLN I 69 11.59 31.25 20.89
N ILE I 70 11.73 29.92 20.94
CA ILE I 70 12.92 29.29 21.48
C ILE I 70 13.95 29.12 20.36
N ASP I 71 15.15 28.74 20.76
CA ASP I 71 16.22 28.54 19.79
C ASP I 71 16.16 27.15 19.18
N ASP I 72 16.72 27.07 17.96
CA ASP I 72 16.81 25.79 17.21
C ASP I 72 18.19 25.19 17.42
N PRO I 73 18.31 23.94 17.91
CA PRO I 73 19.62 23.30 17.99
C PRO I 73 20.28 23.17 16.61
N ASN I 74 19.56 22.59 15.64
CA ASN I 74 20.14 22.35 14.28
C ASN I 74 20.49 23.69 13.63
N ASN I 75 20.37 24.80 14.38
CA ASN I 75 20.75 26.12 13.84
C ASN I 75 21.05 27.07 15.00
N PRO I 76 22.23 26.96 15.67
CA PRO I 76 22.53 27.79 16.85
C PRO I 76 22.42 29.30 16.57
N GLY I 77 22.03 30.07 17.59
CA GLY I 77 21.87 31.53 17.41
C GLY I 77 20.68 31.84 16.54
N GLU I 78 20.12 30.82 15.87
CA GLU I 78 18.91 31.03 15.03
C GLU I 78 17.68 30.50 15.77
N LYS I 79 16.57 31.23 15.71
CA LYS I 79 15.34 30.83 16.46
C LYS I 79 14.60 29.74 15.69
N SER I 81 11.91 27.51 13.61
CA SER I 81 11.13 27.89 12.45
C SER I 81 9.66 28.11 12.81
N LEU I 82 9.06 29.22 12.41
CA LEU I 82 7.65 29.46 12.59
C LEU I 82 6.81 28.97 11.42
N ALA I 83 7.47 28.47 10.37
CA ALA I 83 6.76 27.97 9.18
C ALA I 83 5.69 26.94 9.50
N PRO I 84 5.86 25.93 10.40
CA PRO I 84 4.75 25.01 10.70
C PRO I 84 3.56 25.73 11.35
N PHE I 85 3.82 26.82 12.04
CA PHE I 85 2.75 27.56 12.76
C PHE I 85 2.08 28.54 11.80
N ILE I 86 2.82 29.06 10.83
CA ILE I 86 2.21 29.94 9.80
C ILE I 86 1.24 29.07 9.00
N GLU I 87 1.66 27.86 8.65
CA GLU I 87 0.82 26.93 7.85
C GLU I 87 -0.51 26.68 8.56
N ARG I 88 -0.47 26.35 9.85
CA ARG I 88 -1.70 26.01 10.59
C ARG I 88 -2.63 27.20 10.72
N ALA I 89 -2.08 28.37 11.10
CA ALA I 89 -2.91 29.57 11.34
C ALA I 89 -3.53 30.05 10.01
N GLU I 90 -2.83 29.84 8.90
CA GLU I 90 -3.38 30.22 7.57
C GLU I 90 -4.61 29.36 7.27
N LYS I 91 -4.73 28.22 7.93
CA LYS I 91 -5.92 27.34 7.73
C LYS I 91 -7.15 27.98 8.36
N LEU I 92 -6.98 28.94 9.27
CA LEU I 92 -8.17 29.49 9.96
C LEU I 92 -8.77 30.63 9.13
N CYS I 93 -8.21 30.92 7.95
CA CYS I 93 -8.71 32.06 7.13
C CYS I 93 -9.76 31.53 6.14
N ALA J 1 6.56 -33.14 -6.55
CA ALA J 1 5.90 -34.27 -5.85
C ALA J 1 5.06 -33.74 -4.70
N PRO J 2 4.10 -34.53 -4.17
CA PRO J 2 3.35 -34.12 -2.99
C PRO J 2 4.27 -33.84 -1.80
N GLN J 3 3.97 -32.82 -1.01
CA GLN J 3 4.79 -32.63 0.20
C GLN J 3 4.43 -33.75 1.17
N VAL J 4 5.40 -34.14 1.96
CA VAL J 4 5.22 -35.20 2.97
C VAL J 4 5.93 -34.70 4.21
N ILE J 5 5.21 -34.62 5.31
CA ILE J 5 5.82 -34.11 6.55
C ILE J 5 5.57 -35.09 7.68
N THR J 6 6.37 -34.97 8.70
CA THR J 6 6.18 -35.84 9.87
C THR J 6 5.59 -35.00 11.00
N VAL J 7 4.74 -35.66 11.76
CA VAL J 7 3.95 -35.11 12.89
C VAL J 7 4.09 -36.08 14.04
N SER J 8 4.29 -35.55 15.23
CA SER J 8 4.58 -36.27 16.47
C SER J 8 3.50 -36.01 17.52
N ARG J 9 3.36 -36.92 18.44
CA ARG J 9 2.58 -36.61 19.62
C ARG J 9 3.12 -35.40 20.37
N PHE J 10 4.45 -35.30 20.53
CA PHE J 10 5.09 -34.12 21.10
C PHE J 10 4.56 -32.82 20.52
N GLU J 11 4.28 -32.78 19.22
CA GLU J 11 3.76 -31.60 18.56
C GLU J 11 2.26 -31.44 18.74
N VAL J 12 1.51 -32.53 18.57
CA VAL J 12 0.06 -32.46 18.66
C VAL J 12 -0.38 -32.48 20.12
N GLY J 13 0.33 -33.20 20.97
CA GLY J 13 -0.04 -33.39 22.35
C GLY J 13 -0.84 -34.68 22.54
N LYS J 14 -0.54 -35.36 23.64
CA LYS J 14 -1.26 -36.58 23.98
C LYS J 14 -2.77 -36.38 24.09
N ASP J 15 -3.22 -35.15 24.31
CA ASP J 15 -4.64 -34.87 24.41
C ASP J 15 -5.39 -35.05 23.10
N LYS J 16 -4.77 -34.70 21.97
CA LYS J 16 -5.48 -34.96 20.72
C LYS J 16 -4.78 -35.92 19.78
N TRP J 17 -3.65 -36.50 20.19
CA TRP J 17 -3.03 -37.56 19.40
C TRP J 17 -3.98 -38.74 19.26
N ALA J 18 -4.14 -39.24 18.04
CA ALA J 18 -5.21 -40.18 17.71
C ALA J 18 -4.68 -41.50 17.18
N PHE J 19 -3.38 -41.75 17.28
CA PHE J 19 -2.80 -42.94 16.67
C PHE J 19 -2.03 -43.73 17.71
N ASN J 20 -1.92 -45.04 17.46
CA ASN J 20 -1.17 -45.94 18.33
C ASN J 20 0.34 -45.81 18.16
N ARG J 21 0.80 -44.88 17.34
CA ARG J 21 2.22 -44.67 17.15
C ARG J 21 2.58 -43.23 17.51
N GLU J 22 3.77 -43.03 18.04
CA GLU J 22 4.19 -41.69 18.48
C GLU J 22 4.47 -40.75 17.30
N GLU J 23 4.70 -41.28 16.12
CA GLU J 23 4.92 -40.38 14.97
C GLU J 23 4.31 -41.00 13.73
N VAL J 24 3.87 -40.14 12.84
CA VAL J 24 3.27 -40.54 11.54
C VAL J 24 3.59 -39.45 10.52
N LEU J 26 2.18 -37.12 7.05
CA LEU J 26 0.93 -36.66 6.41
C LEU J 26 1.28 -36.20 5.00
N THR J 27 0.33 -36.31 4.09
CA THR J 27 0.55 -35.88 2.70
C THR J 27 -0.78 -35.49 2.09
N CYS J 28 -0.63 -34.60 1.14
CA CYS J 28 -1.76 -34.21 0.32
C CYS J 28 -1.39 -34.54 -1.10
N ARG J 29 -2.24 -35.30 -1.74
CA ARG J 29 -2.02 -35.61 -3.14
C ARG J 29 -3.00 -34.83 -4.02
N PRO J 30 -2.79 -34.82 -5.33
CA PRO J 30 -3.73 -34.13 -6.22
C PRO J 30 -5.15 -34.60 -6.02
N GLY J 31 -6.08 -33.66 -5.98
CA GLY J 31 -7.47 -33.93 -5.69
C GLY J 31 -7.86 -33.67 -4.26
N ASN J 32 -6.97 -33.12 -3.43
CA ASN J 32 -7.22 -32.85 -2.03
C ASN J 32 -7.42 -34.15 -1.25
N ALA J 33 -6.71 -35.18 -1.67
CA ALA J 33 -6.74 -36.50 -1.04
C ALA J 33 -5.65 -36.53 0.03
N LEU J 34 -6.06 -36.66 1.28
CA LEU J 34 -5.12 -36.63 2.39
C LEU J 34 -4.84 -38.04 2.89
N TYR J 35 -3.59 -38.31 3.23
CA TYR J 35 -3.18 -39.63 3.67
C TYR J 35 -2.29 -39.53 4.90
N VAL J 36 -2.28 -40.59 5.69
CA VAL J 36 -1.37 -40.76 6.81
C VAL J 36 -0.42 -41.90 6.47
N ILE J 37 0.86 -41.73 6.78
CA ILE J 37 1.85 -42.77 6.42
C ILE J 37 2.61 -43.23 7.65
N ASN J 38 2.77 -44.54 7.75
CA ASN J 38 3.50 -45.17 8.85
C ASN J 38 4.98 -45.05 8.52
N PRO J 39 5.79 -44.30 9.27
CA PRO J 39 7.18 -44.11 8.93
C PRO J 39 8.01 -45.40 8.92
N SER J 40 7.66 -46.35 9.75
CA SER J 40 8.46 -47.58 9.81
C SER J 40 7.96 -48.57 8.77
N THR J 41 6.68 -48.78 8.58
CA THR J 41 6.27 -49.79 7.59
C THR J 41 6.01 -49.21 6.22
N LEU J 42 5.71 -47.91 6.12
CA LEU J 42 5.37 -47.17 4.88
C LEU J 42 3.94 -47.45 4.40
N VAL J 43 3.14 -48.12 5.22
CA VAL J 43 1.72 -48.39 4.91
C VAL J 43 1.02 -47.04 4.96
N GLN J 44 0.09 -46.83 4.04
CA GLN J 44 -0.69 -45.61 3.94
C GLN J 44 -2.11 -45.84 4.47
N TYR J 45 -2.75 -44.74 4.86
CA TYR J 45 -4.11 -44.76 5.34
C TYR J 45 -4.85 -43.51 4.86
N PRO J 46 -6.08 -43.65 4.37
CA PRO J 46 -6.83 -42.48 3.90
C PRO J 46 -7.22 -41.59 5.08
N LEU J 47 -7.01 -40.28 4.92
CA LEU J 47 -7.26 -39.34 6.00
C LEU J 47 -8.64 -38.68 5.85
N ASN J 48 -8.92 -38.12 4.67
CA ASN J 48 -10.21 -37.51 4.42
C ASN J 48 -11.06 -38.41 3.52
N ASP J 49 -12.29 -37.96 3.25
CA ASP J 49 -13.20 -38.77 2.44
C ASP J 49 -12.71 -38.94 1.01
N ILE J 50 -12.13 -37.90 0.43
CA ILE J 50 -11.58 -38.00 -0.92
C ILE J 50 -10.61 -39.18 -1.01
N ALA J 51 -9.68 -39.26 -0.05
CA ALA J 51 -8.73 -40.36 -0.04
C ALA J 51 -9.41 -41.69 0.24
N GLN J 52 -10.38 -41.71 1.16
CA GLN J 52 -11.07 -42.95 1.47
C GLN J 52 -11.68 -43.56 0.22
N LYS J 53 -12.26 -42.72 -0.64
CA LYS J 53 -12.85 -43.23 -1.88
C LYS J 53 -11.77 -43.74 -2.83
N GLU J 54 -10.60 -43.11 -2.85
CA GLU J 54 -9.50 -43.63 -3.72
C GLU J 54 -9.10 -45.05 -3.27
N VAL J 55 -9.11 -45.29 -1.96
CA VAL J 55 -8.69 -46.62 -1.42
C VAL J 55 -9.83 -47.64 -1.59
N ALA J 56 -11.06 -47.25 -1.36
CA ALA J 56 -12.21 -48.17 -1.44
C ALA J 56 -12.41 -48.63 -2.87
N SER J 57 -12.30 -47.71 -3.83
CA SER J 57 -12.42 -48.01 -5.26
C SER J 57 -11.29 -48.91 -5.73
N GLY J 58 -10.21 -48.96 -4.97
CA GLY J 58 -9.04 -49.78 -5.35
C GLY J 58 -8.02 -48.98 -6.12
N LYS J 59 -8.23 -47.68 -6.29
CA LYS J 59 -7.27 -46.81 -7.02
C LYS J 59 -5.95 -46.74 -6.26
N THR J 60 -5.99 -46.83 -4.93
CA THR J 60 -4.75 -46.65 -4.13
C THR J 60 -4.57 -47.82 -3.15
N ASN J 61 -3.33 -48.26 -2.93
CA ASN J 61 -3.02 -49.31 -1.97
C ASN J 61 -2.89 -48.70 -0.57
N ALA J 62 -3.82 -49.07 0.31
CA ALA J 62 -3.82 -48.55 1.68
C ALA J 62 -4.76 -49.37 2.54
N GLN J 63 -4.66 -49.17 3.84
CA GLN J 63 -5.47 -49.79 4.86
C GLN J 63 -6.40 -48.76 5.52
N PRO J 64 -7.52 -49.21 6.09
CA PRO J 64 -8.38 -48.26 6.83
C PRO J 64 -7.64 -47.66 8.01
N ILE J 65 -7.73 -46.34 8.12
CA ILE J 65 -7.01 -45.60 9.16
C ILE J 65 -7.40 -46.04 10.57
N SER J 66 -8.56 -46.67 10.74
CA SER J 66 -8.97 -47.14 12.05
C SER J 66 -8.01 -48.16 12.64
N VAL J 67 -7.17 -48.78 11.81
CA VAL J 67 -6.22 -49.78 12.30
C VAL J 67 -5.12 -49.16 13.15
N ILE J 68 -4.89 -47.85 13.02
CA ILE J 68 -3.87 -47.17 13.79
C ILE J 68 -4.47 -46.13 14.74
N GLN J 69 -5.80 -46.06 14.80
CA GLN J 69 -6.48 -45.11 15.67
C GLN J 69 -6.66 -45.69 17.07
N ILE J 70 -6.45 -44.86 18.07
CA ILE J 70 -6.70 -45.21 19.45
C ILE J 70 -8.07 -44.70 19.86
N ASP J 71 -8.54 -45.13 21.03
CA ASP J 71 -9.84 -44.71 21.49
C ASP J 71 -9.79 -43.31 22.09
N ASP J 72 -10.95 -42.64 22.07
CA ASP J 72 -11.06 -41.30 22.69
C ASP J 72 -11.37 -41.50 24.18
N PRO J 73 -10.57 -41.02 25.18
CA PRO J 73 -10.96 -41.14 26.59
C PRO J 73 -12.24 -40.34 26.89
N ASN J 74 -12.41 -39.17 26.26
CA ASN J 74 -13.59 -38.34 26.60
C ASN J 74 -14.79 -38.79 25.75
N ASN J 75 -14.58 -39.70 24.80
CA ASN J 75 -15.70 -40.24 24.04
C ASN J 75 -15.55 -41.74 23.96
N PRO J 76 -15.81 -42.45 25.05
CA PRO J 76 -15.55 -43.90 25.09
C PRO J 76 -16.35 -44.65 24.03
N GLY J 77 -15.71 -45.63 23.42
CA GLY J 77 -16.34 -46.42 22.38
C GLY J 77 -16.04 -45.89 20.99
N GLU J 78 -15.60 -44.63 20.91
CA GLU J 78 -15.29 -44.04 19.63
C GLU J 78 -13.80 -43.76 19.51
N LYS J 79 -13.36 -43.60 18.26
CA LYS J 79 -11.97 -43.36 17.96
C LYS J 79 -11.64 -41.88 18.11
N SER J 81 -10.56 -38.31 17.26
CA SER J 81 -10.96 -37.64 16.04
C SER J 81 -9.77 -37.38 15.13
N LEU J 82 -10.08 -37.23 13.83
CA LEU J 82 -9.08 -37.00 12.80
C LEU J 82 -9.01 -35.54 12.39
N ALA J 83 -9.89 -34.70 12.92
CA ALA J 83 -9.98 -33.29 12.57
C ALA J 83 -8.65 -32.54 12.67
N PRO J 84 -7.88 -32.70 13.77
CA PRO J 84 -6.62 -31.96 13.85
C PRO J 84 -5.59 -32.41 12.83
N PHE J 85 -5.64 -33.68 12.40
CA PHE J 85 -4.70 -34.15 11.39
C PHE J 85 -5.19 -33.81 10.00
N ILE J 86 -6.50 -33.76 9.79
CA ILE J 86 -7.04 -33.29 8.52
C ILE J 86 -6.67 -31.83 8.31
N GLU J 87 -6.85 -31.00 9.35
CA GLU J 87 -6.49 -29.60 9.24
C GLU J 87 -5.02 -29.42 8.89
N ARG J 88 -4.16 -30.22 9.50
CA ARG J 88 -2.71 -30.09 9.27
C ARG J 88 -2.38 -30.55 7.87
N ALA J 89 -2.94 -31.66 7.42
CA ALA J 89 -2.64 -32.20 6.08
C ALA J 89 -3.11 -31.25 4.98
N GLU J 90 -4.22 -30.62 5.18
CA GLU J 90 -4.76 -29.62 4.25
C GLU J 90 -3.74 -28.50 3.95
N LYS J 91 -2.81 -28.15 4.81
CA LYS J 91 -1.92 -27.06 4.48
C LYS J 91 -0.83 -27.44 3.49
N LEU J 92 -0.77 -28.73 3.15
CA LEU J 92 0.23 -29.22 2.15
C LEU J 92 -0.42 -29.34 0.76
N CYS J 93 -1.64 -28.80 0.59
CA CYS J 93 -2.26 -28.82 -0.76
C CYS J 93 -2.00 -27.48 -1.45
N ALA K 1 -22.29 -8.97 -42.54
CA ALA K 1 -21.48 -8.70 -41.33
C ALA K 1 -22.37 -8.00 -40.33
N PRO K 2 -23.31 -8.71 -39.70
CA PRO K 2 -24.12 -8.09 -38.67
C PRO K 2 -23.30 -7.91 -37.39
N GLN K 3 -23.68 -6.96 -36.56
CA GLN K 3 -22.88 -6.80 -35.33
C GLN K 3 -23.22 -7.97 -34.38
N VAL K 4 -22.21 -8.45 -33.70
CA VAL K 4 -22.38 -9.42 -32.61
C VAL K 4 -21.60 -8.97 -31.39
N ILE K 5 -22.28 -8.93 -30.27
CA ILE K 5 -21.68 -8.54 -29.01
C ILE K 5 -22.04 -9.58 -27.95
N THR K 6 -21.27 -9.58 -26.87
CA THR K 6 -21.43 -10.54 -25.78
C THR K 6 -21.94 -9.81 -24.55
N VAL K 7 -22.93 -10.39 -23.88
CA VAL K 7 -23.47 -9.91 -22.61
C VAL K 7 -23.32 -11.04 -21.60
N SER K 8 -23.00 -10.71 -20.35
CA SER K 8 -22.80 -11.71 -19.32
C SER K 8 -23.64 -11.37 -18.09
N ARG K 9 -23.89 -12.38 -17.27
CA ARG K 9 -24.49 -12.18 -15.96
C ARG K 9 -23.69 -11.19 -15.12
N PHE K 10 -22.38 -11.26 -15.22
CA PHE K 10 -21.48 -10.38 -14.47
C PHE K 10 -21.75 -8.93 -14.83
N GLU K 11 -22.15 -8.67 -16.05
CA GLU K 11 -22.42 -7.30 -16.46
C GLU K 11 -23.85 -6.93 -16.09
N VAL K 12 -24.78 -7.82 -16.34
CA VAL K 12 -26.20 -7.50 -16.17
C VAL K 12 -26.62 -7.60 -14.72
N GLY K 13 -25.96 -8.42 -13.94
CA GLY K 13 -26.39 -8.59 -12.54
C GLY K 13 -27.34 -9.77 -12.38
N LYS K 14 -28.36 -9.73 -11.52
CA LYS K 14 -29.17 -10.97 -11.40
C LYS K 14 -30.68 -10.68 -11.33
N ASP K 15 -31.07 -9.43 -11.25
CA ASP K 15 -32.52 -9.17 -11.32
C ASP K 15 -32.95 -9.22 -12.77
N LYS K 16 -32.03 -9.15 -13.73
CA LYS K 16 -32.51 -9.11 -15.12
C LYS K 16 -31.94 -10.28 -15.95
N TRP K 17 -30.91 -10.95 -15.46
CA TRP K 17 -30.26 -12.04 -16.23
C TRP K 17 -31.26 -13.17 -16.48
N ALA K 18 -31.47 -13.56 -17.72
CA ALA K 18 -32.53 -14.52 -18.07
C ALA K 18 -32.05 -15.86 -18.60
N PHE K 19 -30.81 -16.23 -18.40
CA PHE K 19 -30.28 -17.45 -18.99
C PHE K 19 -29.52 -18.24 -17.93
N ASN K 20 -29.42 -19.56 -18.17
CA ASN K 20 -28.65 -20.44 -17.32
C ASN K 20 -27.17 -20.49 -17.69
N ARG K 21 -26.75 -19.67 -18.63
CA ARG K 21 -25.33 -19.58 -18.98
C ARG K 21 -24.76 -18.25 -18.48
N GLU K 22 -23.50 -18.30 -18.06
CA GLU K 22 -22.92 -17.08 -17.51
C GLU K 22 -22.71 -16.03 -18.59
N GLU K 23 -22.82 -16.39 -19.87
CA GLU K 23 -22.56 -15.45 -20.94
C GLU K 23 -23.31 -15.90 -22.20
N VAL K 24 -23.82 -14.92 -22.95
CA VAL K 24 -24.44 -15.19 -24.24
C VAL K 24 -24.02 -14.08 -25.20
N LEU K 26 -25.41 -11.49 -28.54
CA LEU K 26 -26.59 -10.89 -29.15
C LEU K 26 -26.26 -10.41 -30.55
N THR K 27 -27.26 -10.43 -31.42
CA THR K 27 -27.09 -9.96 -32.79
C THR K 27 -28.44 -9.52 -33.34
N CYS K 28 -28.30 -8.59 -34.28
CA CYS K 28 -29.46 -8.11 -35.05
C CYS K 28 -29.12 -8.27 -36.52
N ARG K 29 -29.83 -9.16 -37.18
CA ARG K 29 -29.63 -9.36 -38.60
C ARG K 29 -30.53 -8.43 -39.39
N PRO K 30 -30.32 -8.35 -40.72
CA PRO K 30 -31.20 -7.51 -41.55
C PRO K 30 -32.67 -7.84 -41.38
N GLY K 31 -33.52 -6.83 -41.36
CA GLY K 31 -34.92 -6.98 -41.09
C GLY K 31 -35.29 -6.99 -39.63
N ASN K 32 -34.39 -6.55 -38.75
CA ASN K 32 -34.63 -6.52 -37.30
C ASN K 32 -34.94 -7.91 -36.75
N ALA K 33 -34.18 -8.89 -37.22
CA ALA K 33 -34.29 -10.27 -36.78
C ALA K 33 -33.32 -10.46 -35.61
N LEU K 34 -33.86 -10.45 -34.39
CA LEU K 34 -32.88 -10.57 -33.33
C LEU K 34 -32.68 -12.04 -32.96
N TYR K 35 -31.47 -12.28 -32.46
CA TYR K 35 -30.99 -13.64 -32.20
C TYR K 35 -30.07 -13.65 -31.00
N VAL K 36 -30.21 -14.69 -30.18
CA VAL K 36 -29.29 -14.98 -29.09
C VAL K 36 -28.39 -16.11 -29.55
N ILE K 37 -27.11 -16.01 -29.27
CA ILE K 37 -26.13 -17.00 -29.73
C ILE K 37 -25.35 -17.53 -28.56
N ASN K 38 -25.17 -18.85 -28.54
CA ASN K 38 -24.40 -19.57 -27.53
C ASN K 38 -22.90 -19.46 -27.84
N PRO K 39 -22.11 -18.89 -26.95
CA PRO K 39 -20.69 -18.68 -27.26
C PRO K 39 -19.86 -19.95 -27.14
N SER K 40 -20.47 -21.03 -26.66
CA SER K 40 -19.71 -22.27 -26.54
C SER K 40 -20.03 -23.21 -27.69
N THR K 41 -21.30 -23.46 -27.98
CA THR K 41 -21.71 -24.31 -29.09
C THR K 41 -21.98 -23.53 -30.37
N LEU K 42 -22.25 -22.23 -30.26
CA LEU K 42 -22.43 -21.33 -31.41
C LEU K 42 -23.77 -21.58 -32.10
N VAL K 43 -24.65 -22.30 -31.42
CA VAL K 43 -26.04 -22.40 -31.83
C VAL K 43 -26.72 -21.08 -31.53
N GLN K 44 -27.81 -20.81 -32.23
CA GLN K 44 -28.55 -19.57 -32.04
C GLN K 44 -29.99 -19.86 -31.65
N TYR K 45 -30.62 -18.85 -31.06
CA TYR K 45 -32.00 -18.91 -30.62
C TYR K 45 -32.71 -17.62 -31.02
N PRO K 46 -33.93 -17.72 -31.57
CA PRO K 46 -34.65 -16.51 -31.95
C PRO K 46 -35.11 -15.73 -30.72
N LEU K 47 -35.01 -14.41 -30.81
CA LEU K 47 -35.27 -13.54 -29.66
C LEU K 47 -36.51 -12.67 -29.85
N ASN K 48 -36.88 -12.39 -31.09
CA ASN K 48 -38.06 -11.60 -31.39
C ASN K 48 -38.90 -12.32 -32.45
N ASP K 49 -40.05 -11.74 -32.80
CA ASP K 49 -40.95 -12.39 -33.74
C ASP K 49 -40.33 -12.52 -35.12
N ILE K 50 -39.54 -11.53 -35.54
CA ILE K 50 -38.92 -11.61 -36.87
C ILE K 50 -38.02 -12.83 -36.96
N ALA K 51 -37.15 -13.05 -35.97
CA ALA K 51 -36.31 -14.23 -35.98
C ALA K 51 -37.14 -15.50 -35.92
N GLN K 52 -38.22 -15.51 -35.13
CA GLN K 52 -39.05 -16.70 -35.01
C GLN K 52 -39.63 -17.11 -36.35
N LYS K 53 -40.01 -16.13 -37.18
CA LYS K 53 -40.56 -16.44 -38.50
C LYS K 53 -39.49 -17.02 -39.40
N GLU K 54 -38.25 -16.52 -39.30
CA GLU K 54 -37.16 -17.08 -40.09
C GLU K 54 -36.87 -18.51 -39.66
N VAL K 55 -37.02 -18.79 -38.36
CA VAL K 55 -36.77 -20.16 -37.92
C VAL K 55 -37.92 -21.08 -38.32
N ALA K 56 -39.15 -20.67 -38.09
CA ALA K 56 -40.31 -21.52 -38.42
C ALA K 56 -40.34 -21.78 -39.91
N SER K 57 -40.02 -20.77 -40.70
CA SER K 57 -40.08 -20.89 -42.18
C SER K 57 -38.87 -21.59 -42.76
N GLY K 58 -37.87 -21.91 -41.97
CA GLY K 58 -36.68 -22.64 -42.41
C GLY K 58 -35.65 -21.77 -43.06
N LYS K 59 -35.73 -20.47 -42.89
CA LYS K 59 -34.73 -19.58 -43.52
C LYS K 59 -33.41 -19.67 -42.76
N THR K 60 -33.44 -20.01 -41.48
CA THR K 60 -32.27 -20.07 -40.63
C THR K 60 -32.40 -21.24 -39.68
N ASN K 61 -31.25 -21.79 -39.27
CA ASN K 61 -31.22 -22.89 -38.32
C ASN K 61 -31.05 -22.33 -36.91
N ALA K 62 -31.87 -22.82 -35.99
CA ALA K 62 -31.85 -22.30 -34.62
C ALA K 62 -32.36 -23.37 -33.67
N GLN K 63 -32.20 -23.09 -32.37
CA GLN K 63 -32.65 -23.94 -31.28
C GLN K 63 -33.68 -23.19 -30.44
N PRO K 64 -34.48 -23.88 -29.64
CA PRO K 64 -35.47 -23.17 -28.81
C PRO K 64 -34.81 -22.38 -27.70
N ILE K 65 -35.16 -21.09 -27.63
CA ILE K 65 -34.61 -20.21 -26.60
C ILE K 65 -34.92 -20.70 -25.20
N SER K 66 -35.97 -21.54 -25.06
CA SER K 66 -36.38 -22.11 -23.76
C SER K 66 -35.28 -22.92 -23.10
N VAL K 67 -34.36 -23.48 -23.90
CA VAL K 67 -33.33 -24.40 -23.33
C VAL K 67 -32.29 -23.60 -22.53
N ILE K 68 -32.23 -22.30 -22.73
CA ILE K 68 -31.22 -21.47 -22.03
C ILE K 68 -31.89 -20.52 -21.02
N GLN K 69 -33.21 -20.55 -20.84
CA GLN K 69 -33.90 -19.62 -19.97
C GLN K 69 -34.07 -20.19 -18.57
N ILE K 70 -33.87 -19.35 -17.56
CA ILE K 70 -34.12 -19.72 -16.18
C ILE K 70 -35.49 -19.19 -15.79
N ASP K 71 -36.07 -19.78 -14.76
CA ASP K 71 -37.41 -19.39 -14.26
C ASP K 71 -37.35 -18.04 -13.53
N ASP K 72 -38.34 -17.18 -13.72
CA ASP K 72 -38.61 -15.99 -12.88
C ASP K 72 -39.07 -16.39 -11.48
N PRO K 73 -38.35 -16.00 -10.40
CA PRO K 73 -38.82 -16.25 -9.02
C PRO K 73 -39.88 -15.24 -8.56
N ASN K 74 -40.48 -14.48 -9.48
CA ASN K 74 -41.49 -13.45 -9.15
C ASN K 74 -42.72 -13.68 -10.02
N ASN K 75 -42.56 -14.42 -11.11
CA ASN K 75 -43.71 -14.81 -11.97
C ASN K 75 -43.62 -16.34 -12.05
N PRO K 76 -43.99 -17.07 -10.98
CA PRO K 76 -43.84 -18.53 -10.94
C PRO K 76 -44.49 -19.25 -12.13
N GLY K 77 -43.78 -20.24 -12.66
CA GLY K 77 -44.28 -20.97 -13.84
C GLY K 77 -43.84 -20.31 -15.13
N GLU K 78 -43.22 -19.14 -15.04
CA GLU K 78 -42.83 -18.39 -16.26
C GLU K 78 -41.33 -18.12 -16.28
N LYS K 79 -40.77 -18.02 -17.47
CA LYS K 79 -39.35 -17.78 -17.67
C LYS K 79 -39.04 -16.29 -17.49
N SER K 81 -37.90 -12.50 -18.07
CA SER K 81 -38.26 -11.69 -19.25
C SER K 81 -37.11 -11.55 -20.25
N LEU K 82 -37.41 -11.55 -21.54
CA LEU K 82 -36.36 -11.35 -22.57
C LEU K 82 -36.32 -9.87 -22.95
N ALA K 83 -37.24 -9.06 -22.41
CA ALA K 83 -37.30 -7.64 -22.76
C ALA K 83 -35.96 -6.91 -22.60
N PRO K 84 -35.19 -7.08 -21.52
CA PRO K 84 -33.90 -6.37 -21.43
C PRO K 84 -32.94 -6.74 -22.53
N PHE K 85 -33.04 -7.96 -23.06
CA PHE K 85 -32.11 -8.41 -24.10
C PHE K 85 -32.64 -8.07 -25.49
N ILE K 86 -33.97 -8.11 -25.67
CA ILE K 86 -34.55 -7.63 -26.92
C ILE K 86 -34.21 -6.17 -27.13
N GLU K 87 -34.25 -5.37 -26.06
CA GLU K 87 -33.92 -3.96 -26.18
C GLU K 87 -32.44 -3.75 -26.42
N ARG K 88 -31.58 -4.53 -25.75
CA ARG K 88 -30.11 -4.42 -25.97
C ARG K 88 -29.79 -4.83 -27.42
N ALA K 89 -30.30 -5.97 -27.87
CA ALA K 89 -30.03 -6.47 -29.22
C ALA K 89 -30.55 -5.54 -30.30
N GLU K 90 -31.65 -4.82 -30.05
CA GLU K 90 -32.15 -3.83 -31.00
C GLU K 90 -31.17 -2.70 -31.23
N LYS K 91 -30.40 -2.31 -30.22
CA LYS K 91 -29.41 -1.27 -30.37
C LYS K 91 -28.27 -1.65 -31.30
N LEU K 92 -28.19 -2.93 -31.69
CA LEU K 92 -27.20 -3.37 -32.66
C LEU K 92 -27.68 -3.21 -34.10
N CYS K 93 -28.97 -2.91 -34.28
CA CYS K 93 -29.55 -2.82 -35.65
C CYS K 93 -29.10 -1.51 -36.31
N PRO L 2 -15.70 -17.38 -21.83
CA PRO L 2 -14.53 -16.76 -22.45
C PRO L 2 -14.84 -15.41 -23.07
N GLN L 3 -13.86 -14.52 -23.12
CA GLN L 3 -14.05 -13.23 -23.74
C GLN L 3 -14.14 -13.39 -25.26
N VAL L 4 -15.00 -12.60 -25.89
CA VAL L 4 -15.15 -12.58 -27.34
C VAL L 4 -15.08 -11.13 -27.78
N ILE L 5 -14.33 -10.86 -28.84
CA ILE L 5 -14.22 -9.52 -29.41
C ILE L 5 -14.36 -9.62 -30.92
N THR L 6 -14.58 -8.47 -31.54
CA THR L 6 -14.71 -8.36 -32.98
C THR L 6 -13.56 -7.52 -33.51
N VAL L 7 -12.90 -8.01 -34.56
CA VAL L 7 -11.81 -7.30 -35.21
C VAL L 7 -12.17 -7.10 -36.68
N SER L 8 -11.64 -6.02 -37.20
CA SER L 8 -11.98 -5.64 -38.56
C SER L 8 -10.70 -5.33 -39.31
N ARG L 9 -10.79 -5.35 -40.63
CA ARG L 9 -9.71 -4.95 -41.54
C ARG L 9 -9.35 -3.49 -41.25
N PHE L 10 -10.35 -2.65 -40.97
CA PHE L 10 -10.14 -1.25 -40.58
C PHE L 10 -9.17 -1.20 -39.41
N GLU L 11 -9.28 -2.08 -38.42
CA GLU L 11 -8.39 -2.04 -37.27
C GLU L 11 -7.04 -2.70 -37.54
N VAL L 12 -7.05 -3.83 -38.25
CA VAL L 12 -5.80 -4.55 -38.50
C VAL L 12 -5.08 -3.97 -39.71
N GLY L 13 -5.83 -3.44 -40.67
CA GLY L 13 -5.26 -2.92 -41.90
C GLY L 13 -5.21 -3.98 -42.98
N LYS L 14 -5.42 -3.54 -44.21
CA LYS L 14 -5.39 -4.43 -45.37
C LYS L 14 -4.04 -5.11 -45.56
N ASP L 15 -2.96 -4.56 -45.00
CA ASP L 15 -1.66 -5.16 -45.12
C ASP L 15 -1.50 -6.44 -44.31
N LYS L 16 -2.22 -6.59 -43.20
CA LYS L 16 -2.09 -7.89 -42.49
C LYS L 16 -3.43 -8.62 -42.37
N TRP L 17 -4.54 -8.01 -42.81
CA TRP L 17 -5.81 -8.72 -42.76
C TRP L 17 -5.74 -9.99 -43.60
N ALA L 18 -6.08 -11.13 -42.99
CA ALA L 18 -5.80 -12.43 -43.57
C ALA L 18 -7.08 -13.19 -43.91
N PHE L 19 -8.23 -12.51 -43.83
CA PHE L 19 -9.54 -13.19 -44.04
C PHE L 19 -10.34 -12.61 -45.20
N ASN L 20 -11.20 -13.43 -45.82
CA ASN L 20 -12.01 -13.00 -47.01
C ASN L 20 -13.26 -12.25 -46.57
N ARG L 21 -13.40 -12.00 -45.27
CA ARG L 21 -14.57 -11.29 -44.74
C ARG L 21 -14.03 -10.01 -44.10
N GLU L 22 -14.79 -8.92 -44.11
CA GLU L 22 -14.36 -7.63 -43.55
C GLU L 22 -14.21 -7.68 -42.02
N GLU L 23 -14.98 -8.53 -41.34
CA GLU L 23 -14.92 -8.54 -39.85
C GLU L 23 -14.99 -9.99 -39.35
N VAL L 24 -14.32 -10.31 -38.24
CA VAL L 24 -14.36 -11.65 -37.66
C VAL L 24 -14.31 -11.50 -36.14
N LEU L 26 -12.88 -13.10 -32.35
CA LEU L 26 -11.76 -13.80 -31.75
C LEU L 26 -12.10 -14.18 -30.32
N THR L 27 -11.71 -15.38 -29.92
CA THR L 27 -11.95 -15.83 -28.56
C THR L 27 -10.83 -16.76 -28.14
N CYS L 28 -10.69 -16.81 -26.83
CA CYS L 28 -9.74 -17.73 -26.21
C CYS L 28 -10.53 -18.68 -25.33
N ARG L 29 -10.73 -19.88 -25.83
CA ARG L 29 -11.41 -20.88 -25.03
C ARG L 29 -10.45 -21.49 -24.02
N PRO L 30 -10.97 -22.14 -22.97
CA PRO L 30 -10.09 -22.72 -21.96
C PRO L 30 -9.01 -23.60 -22.55
N GLY L 31 -7.86 -23.56 -21.90
CA GLY L 31 -6.67 -24.34 -22.24
C GLY L 31 -5.89 -23.68 -23.34
N ASN L 32 -6.12 -22.39 -23.50
CA ASN L 32 -5.47 -21.54 -24.50
C ASN L 32 -5.85 -21.85 -25.94
N ALA L 33 -7.07 -22.30 -26.13
CA ALA L 33 -7.58 -22.69 -27.45
C ALA L 33 -8.18 -21.47 -28.12
N LEU L 34 -7.46 -20.92 -29.08
CA LEU L 34 -7.90 -19.70 -29.79
C LEU L 34 -8.75 -20.08 -30.99
N TYR L 35 -9.77 -19.29 -31.21
CA TYR L 35 -10.66 -19.57 -32.33
C TYR L 35 -11.11 -18.28 -32.96
N VAL L 36 -11.44 -18.36 -34.23
CA VAL L 36 -12.01 -17.25 -35.00
C VAL L 36 -13.47 -17.61 -35.21
N ILE L 37 -14.37 -16.65 -35.16
CA ILE L 37 -15.79 -16.98 -35.36
C ILE L 37 -16.30 -16.11 -36.46
N ASN L 38 -17.07 -16.67 -37.35
CA ASN L 38 -17.66 -15.93 -38.48
C ASN L 38 -18.91 -15.24 -37.93
N PRO L 39 -19.05 -13.90 -37.95
CA PRO L 39 -20.18 -13.25 -37.33
C PRO L 39 -21.51 -13.44 -38.09
N SER L 40 -21.39 -13.73 -39.36
CA SER L 40 -22.53 -13.93 -40.27
C SER L 40 -23.08 -15.35 -40.12
N THR L 41 -22.23 -16.35 -40.15
CA THR L 41 -22.74 -17.73 -40.20
C THR L 41 -22.57 -18.48 -38.90
N LEU L 42 -21.74 -17.97 -37.99
CA LEU L 42 -21.43 -18.51 -36.68
C LEU L 42 -20.51 -19.72 -36.76
N VAL L 43 -19.93 -19.99 -37.92
CA VAL L 43 -18.97 -21.09 -38.03
C VAL L 43 -17.69 -20.72 -37.28
N GLN L 44 -17.04 -21.73 -36.73
CA GLN L 44 -15.84 -21.56 -35.92
C GLN L 44 -14.63 -22.06 -36.70
N TYR L 45 -13.49 -21.53 -36.40
CA TYR L 45 -12.27 -22.03 -37.02
C TYR L 45 -11.12 -21.98 -36.01
N PRO L 46 -10.29 -23.02 -35.96
CA PRO L 46 -9.15 -23.00 -35.03
C PRO L 46 -8.11 -22.00 -35.46
N LEU L 47 -7.64 -21.21 -34.49
CA LEU L 47 -6.67 -20.15 -34.74
C LEU L 47 -5.25 -20.58 -34.42
N ASN L 48 -5.07 -21.24 -33.30
CA ASN L 48 -3.75 -21.72 -32.90
C ASN L 48 -3.72 -23.24 -32.96
N ASP L 49 -2.58 -23.83 -32.67
CA ASP L 49 -2.52 -25.30 -32.85
C ASP L 49 -3.17 -26.00 -31.70
N ILE L 50 -3.28 -25.36 -30.56
CA ILE L 50 -3.99 -25.97 -29.41
C ILE L 50 -5.43 -26.19 -29.86
N ALA L 51 -6.04 -25.17 -30.44
CA ALA L 51 -7.40 -25.30 -30.96
C ALA L 51 -7.41 -26.32 -32.10
N GLN L 52 -6.47 -26.20 -33.02
CA GLN L 52 -6.42 -27.09 -34.21
C GLN L 52 -6.54 -28.53 -33.77
N LYS L 53 -5.84 -28.88 -32.72
CA LYS L 53 -5.92 -30.26 -32.22
C LYS L 53 -7.30 -30.56 -31.66
N GLU L 54 -7.94 -29.56 -31.04
CA GLU L 54 -9.31 -29.76 -30.57
C GLU L 54 -10.25 -30.05 -31.73
N VAL L 55 -10.14 -29.28 -32.81
CA VAL L 55 -11.01 -29.47 -33.96
C VAL L 55 -10.67 -30.78 -34.68
N ALA L 56 -9.38 -31.06 -34.87
CA ALA L 56 -8.99 -32.25 -35.61
C ALA L 56 -9.41 -33.52 -34.87
N SER L 57 -9.25 -33.57 -33.56
CA SER L 57 -9.65 -34.74 -32.79
C SER L 57 -11.15 -34.85 -32.60
N GLY L 58 -11.92 -33.94 -33.17
CA GLY L 58 -13.36 -34.01 -33.08
C GLY L 58 -13.95 -33.51 -31.77
N LYS L 59 -13.17 -32.81 -30.95
CA LYS L 59 -13.74 -32.36 -29.68
C LYS L 59 -14.64 -31.15 -29.86
N THR L 60 -14.39 -30.27 -30.84
CA THR L 60 -15.22 -29.12 -31.08
C THR L 60 -15.72 -29.13 -32.52
N ASN L 61 -16.76 -28.35 -32.77
CA ASN L 61 -17.35 -28.24 -34.10
C ASN L 61 -16.79 -26.99 -34.79
N ALA L 62 -16.05 -27.19 -35.87
CA ALA L 62 -15.43 -26.06 -36.57
C ALA L 62 -14.95 -26.52 -37.93
N GLN L 63 -14.55 -25.55 -38.74
CA GLN L 63 -13.97 -25.77 -40.07
C GLN L 63 -12.54 -25.26 -40.10
N PRO L 64 -11.68 -25.83 -40.96
CA PRO L 64 -10.31 -25.33 -41.06
C PRO L 64 -10.27 -23.86 -41.45
N ILE L 65 -9.40 -23.11 -40.77
CA ILE L 65 -9.34 -21.68 -40.96
C ILE L 65 -8.93 -21.29 -42.39
N SER L 66 -8.28 -22.20 -43.13
CA SER L 66 -7.91 -21.88 -44.50
C SER L 66 -9.13 -21.58 -45.35
N VAL L 67 -10.32 -21.99 -44.91
CA VAL L 67 -11.54 -21.74 -45.67
C VAL L 67 -11.79 -20.24 -45.80
N ILE L 68 -11.42 -19.47 -44.76
CA ILE L 68 -11.62 -18.03 -44.79
C ILE L 68 -10.32 -17.26 -44.95
N GLN L 69 -9.20 -17.95 -45.14
CA GLN L 69 -7.91 -17.28 -45.32
C GLN L 69 -7.74 -16.82 -46.77
N ILE L 70 -7.19 -15.62 -46.93
CA ILE L 70 -6.87 -15.08 -48.23
C ILE L 70 -5.38 -15.29 -48.50
N ASP L 71 -4.96 -15.06 -49.73
CA ASP L 71 -3.58 -15.22 -50.11
C ASP L 71 -2.76 -13.99 -49.70
N ASP L 72 -1.49 -14.24 -49.38
CA ASP L 72 -0.55 -13.17 -48.99
C ASP L 72 0.02 -12.53 -50.25
N PRO L 73 -0.22 -11.24 -50.54
CA PRO L 73 0.30 -10.62 -51.73
C PRO L 73 1.83 -10.58 -51.81
N ASN L 74 2.52 -10.29 -50.70
CA ASN L 74 4.00 -10.25 -50.68
C ASN L 74 4.54 -11.68 -50.48
N ASN L 75 3.67 -12.69 -50.56
CA ASN L 75 4.11 -14.08 -50.37
C ASN L 75 3.18 -14.96 -51.18
N PRO L 76 3.10 -14.76 -52.50
CA PRO L 76 2.24 -15.53 -53.38
C PRO L 76 2.20 -17.04 -53.15
N GLY L 77 0.98 -17.58 -53.21
CA GLY L 77 0.74 -19.01 -53.01
C GLY L 77 0.63 -19.38 -51.55
N GLU L 78 1.12 -18.53 -50.67
CA GLU L 78 1.03 -18.85 -49.23
C GLU L 78 -0.17 -18.14 -48.62
N LYS L 79 -0.66 -18.70 -47.53
CA LYS L 79 -1.78 -18.07 -46.85
C LYS L 79 -1.28 -16.92 -45.98
N SER L 81 -0.55 -14.65 -42.99
CA SER L 81 -0.11 -15.03 -41.66
C SER L 81 -1.23 -14.88 -40.64
N LEU L 82 -1.37 -15.83 -39.72
CA LEU L 82 -2.30 -15.72 -38.61
C LEU L 82 -1.66 -15.12 -37.37
N ALA L 83 -0.38 -14.79 -37.43
CA ALA L 83 0.34 -14.25 -36.28
C ALA L 83 -0.32 -13.02 -35.66
N PRO L 84 -0.76 -12.01 -36.42
CA PRO L 84 -1.39 -10.85 -35.76
C PRO L 84 -2.67 -11.20 -35.02
N PHE L 85 -3.43 -12.18 -35.52
CA PHE L 85 -4.67 -12.57 -34.85
C PHE L 85 -4.40 -13.50 -33.68
N ILE L 86 -3.37 -14.30 -33.77
CA ILE L 86 -3.02 -15.16 -32.62
C ILE L 86 -2.58 -14.26 -31.45
N GLU L 87 -1.86 -13.19 -31.75
CA GLU L 87 -1.41 -12.25 -30.71
C GLU L 87 -2.62 -11.53 -30.10
N ARG L 88 -3.55 -11.07 -30.90
CA ARG L 88 -4.74 -10.41 -30.35
C ARG L 88 -5.53 -11.38 -29.47
N ALA L 89 -5.88 -12.53 -29.99
CA ALA L 89 -6.67 -13.49 -29.23
C ALA L 89 -5.97 -13.97 -27.96
N GLU L 90 -4.64 -14.00 -27.94
CA GLU L 90 -3.91 -14.44 -26.77
C GLU L 90 -4.09 -13.52 -25.58
N LYS L 91 -4.40 -12.25 -25.81
CA LYS L 91 -4.68 -11.33 -24.72
C LYS L 91 -6.06 -11.56 -24.10
N LEU L 92 -6.91 -12.32 -24.79
CA LEU L 92 -8.28 -12.62 -24.28
C LEU L 92 -8.24 -13.76 -23.26
N CYS L 93 -7.08 -14.37 -23.01
CA CYS L 93 -7.03 -15.51 -22.07
C CYS L 93 -6.77 -14.99 -20.64
#